data_9OPZ
#
_entry.id   9OPZ
#
_cell.length_a   1.00
_cell.length_b   1.00
_cell.length_c   1.00
_cell.angle_alpha   90.00
_cell.angle_beta   90.00
_cell.angle_gamma   90.00
#
_symmetry.space_group_name_H-M   'P 1'
#
loop_
_entity.id
_entity.type
_entity.pdbx_description
1 polymer 'Taste receptor type 1 member 2'
2 polymer 'Taste receptor type 1 member 3'
3 branched 4-chloro-4-deoxy-alpha-D-galactopyranose-(1-2)-1,6-dichloro-1,6-dideoxy-beta-D-fructofuranose
#
loop_
_entity_poly.entity_id
_entity_poly.type
_entity_poly.pdbx_seq_one_letter_code
_entity_poly.pdbx_strand_id
1 'polypeptide(L)'
;SDFYLPGDYLLGGLFSLHANMKGIVHLNFLQVPMCKEYEVKVIGYNLMQAMRFAVEEINNDSSLLPGVLLGYEIVDVCYI
SNNVQPVLYFLAHEDNLLPIQEDYSNYSSRVVAVIGPDNSESVMTVANFLSLFLLPQITYSAISDELRDKVRFPALLRTT
PSADHHIEAMVQLMLHFRWNWIIVLVSNDTYGRDNGQLLGERVARRGICIAFQETLPTLQPNQNMTSEERQRLVTIVDKL
QQSTARVVVVFSPDLTLYHFFNEVLRQNFTGAVWIASESWAIDPVLHNLTELRHLGTFLGITIQSVPIPGFSEFREWGPQ
AGPPPLSRTSQSYTCNQECDNCLNATLSFNTILRLSGERVVYSVYSAVYAVAHALHSLLGCDKSTCTKRVVYPWQLLEEI
WKVNFTLLDHQIFFDPQGDVALHLEIVQWQWDRSQNPFQSVASYYPLQRQLKNIQDISWHTINNTIPMSMCSKRCQSGQK
KKPVGIHVCCFECIDCLPGTFLNHTEDEYECQACPNNEWSYQSETSCFKRQ
;
A
2 'polypeptide(L)'
;LCLSQQFKAQGDYILGGLFPLGSTEEATLNQRTQPNSIPCNRFSPLGLFLAMAMKMAVEEINNGSALLPGLRLGYDLFDT
CSEPVVTMKSSLMFLAKVGSQSIAAYCNYTQYQPRVLAVIGPHSSELALITGKFFSFFLMPQVSYSASMDRLSDRETFPS
FFRTVPSDRVQLQAVVTLLQNFSWNWVAALGSDDDYGREGLSIFSSLANARGICIAHEGLVPQHDTSGQQLGKVLDVLRQ
VNQSKVQVVVLFASARAVYSLFSYSIHHGLSPKVWVASESWLTSDLVMTLPNIARVGTVLGFLQRGALLPEFSHYVETHL
ALAADPAFCASLNAELDLEEHVMGQRCPRCDDIMLQNLSSGLLQNLSAGQLHHQIFATYAAVYSVAQALHNTLQCNVSHC
HVSEHVLPWQLLENMYNMSFHARDLTLQFDAEGNVDMEYDLKMWVWQSPTPVLHTVGTFNGTLQLQQSKMYWPGNQVPVS
QCSRQCKDGQVRRVKGFHSCCYDCVDCKAGSYRKHPDDFTCTPCNQDQWSPEKSTACLP
;
B
#
loop_
_chem_comp.id
_chem_comp.type
_chem_comp.name
_chem_comp.formula
RRJ D-saccharide, alpha linking 4-chloro-4-deoxy-alpha-D-galactopyranose 'C6 H11 Cl O5'
RRY D-saccharide, beta linking 1,6-dichloro-1,6-dideoxy-beta-D-fructofuranose 'C6 H10 Cl2 O4'
#
# COMPACT_ATOMS: atom_id res chain seq x y z
N SER A 1 -38.93 4.19 -1.26
CA SER A 1 -37.75 4.23 -2.18
C SER A 1 -36.89 2.99 -2.03
N ASP A 2 -35.92 2.85 -2.95
CA ASP A 2 -35.07 1.66 -2.95
C ASP A 2 -34.18 1.58 -1.73
N PHE A 3 -33.92 2.68 -1.04
CA PHE A 3 -32.83 2.77 -0.10
C PHE A 3 -33.21 2.54 1.36
N TYR A 4 -34.45 2.16 1.64
CA TYR A 4 -34.84 1.90 3.02
C TYR A 4 -36.01 0.93 3.06
N LEU A 5 -36.03 0.10 4.10
CA LEU A 5 -37.14 -0.79 4.41
C LEU A 5 -37.19 -1.04 5.91
N PRO A 6 -38.29 -0.71 6.58
CA PRO A 6 -38.33 -0.89 8.04
C PRO A 6 -38.39 -2.35 8.44
N GLY A 7 -38.09 -2.60 9.71
CA GLY A 7 -38.17 -3.95 10.23
C GLY A 7 -37.83 -3.97 11.70
N ASP A 8 -37.82 -5.18 12.26
CA ASP A 8 -37.42 -5.35 13.66
C ASP A 8 -35.92 -5.22 13.84
N TYR A 9 -35.14 -5.65 12.85
CA TYR A 9 -33.69 -5.50 12.87
C TYR A 9 -33.22 -5.01 11.51
N LEU A 10 -32.32 -4.04 11.50
CA LEU A 10 -31.84 -3.43 10.27
C LEU A 10 -30.44 -3.94 9.92
N LEU A 11 -30.23 -4.26 8.67
CA LEU A 11 -28.89 -4.33 8.11
C LEU A 11 -28.48 -2.96 7.58
N GLY A 12 -27.18 -2.68 7.61
CA GLY A 12 -26.63 -1.51 6.97
C GLY A 12 -25.90 -1.90 5.71
N GLY A 13 -26.27 -1.27 4.60
CA GLY A 13 -25.70 -1.55 3.31
C GLY A 13 -24.88 -0.37 2.80
N LEU A 14 -23.69 -0.68 2.31
CA LEU A 14 -22.79 0.31 1.73
C LEU A 14 -22.43 -0.13 0.32
N PHE A 15 -22.85 0.65 -0.67
CA PHE A 15 -22.67 0.31 -2.08
C PHE A 15 -22.20 1.54 -2.84
N SER A 16 -21.35 1.31 -3.84
CA SER A 16 -20.78 2.38 -4.66
C SER A 16 -21.61 2.55 -5.91
N LEU A 17 -22.48 3.57 -5.92
CA LEU A 17 -23.35 3.83 -7.05
C LEU A 17 -22.77 4.82 -8.05
N HIS A 18 -21.82 5.66 -7.63
CA HIS A 18 -21.23 6.66 -8.51
C HIS A 18 -19.71 6.59 -8.41
N ALA A 19 -19.06 6.65 -9.58
CA ALA A 19 -17.67 6.25 -9.69
C ALA A 19 -16.64 7.31 -9.30
N ASN A 20 -16.64 8.45 -10.01
CA ASN A 20 -15.43 9.27 -10.20
C ASN A 20 -14.24 8.75 -9.37
N MET A 34 -19.94 16.68 -3.67
CA MET A 34 -21.05 15.82 -3.28
C MET A 34 -21.05 14.55 -4.14
N CYS A 35 -21.18 13.39 -3.48
CA CYS A 35 -21.00 12.12 -4.17
C CYS A 35 -21.99 11.93 -5.31
N LYS A 36 -23.14 12.62 -5.28
CA LYS A 36 -24.13 12.46 -6.33
C LYS A 36 -23.65 12.97 -7.69
N GLU A 37 -22.67 13.88 -7.72
CA GLU A 37 -22.33 14.60 -8.93
C GLU A 37 -21.46 13.82 -9.90
N TYR A 38 -21.01 12.63 -9.54
CA TYR A 38 -20.16 11.82 -10.40
C TYR A 38 -20.99 10.87 -11.26
N GLU A 39 -20.35 10.34 -12.29
CA GLU A 39 -21.04 9.46 -13.24
C GLU A 39 -21.43 8.14 -12.57
N VAL A 40 -22.59 7.61 -12.97
CA VAL A 40 -23.17 6.45 -12.30
C VAL A 40 -22.49 5.16 -12.76
N LYS A 41 -22.56 4.13 -11.90
CA LYS A 41 -22.05 2.80 -12.19
C LYS A 41 -23.20 1.80 -12.32
N VAL A 42 -23.13 0.97 -13.36
CA VAL A 42 -24.12 -0.09 -13.56
C VAL A 42 -24.00 -1.16 -12.47
N ILE A 43 -22.78 -1.62 -12.22
CA ILE A 43 -22.56 -2.77 -11.35
C ILE A 43 -23.00 -2.45 -9.92
N GLY A 44 -22.78 -1.21 -9.48
CA GLY A 44 -23.16 -0.86 -8.12
C GLY A 44 -24.65 -0.99 -7.88
N TYR A 45 -25.45 -0.46 -8.80
CA TYR A 45 -26.89 -0.62 -8.67
C TYR A 45 -27.28 -2.08 -8.78
N ASN A 46 -26.60 -2.87 -9.62
CA ASN A 46 -26.90 -4.29 -9.69
C ASN A 46 -26.70 -4.96 -8.33
N LEU A 47 -25.56 -4.69 -7.69
CA LEU A 47 -25.28 -5.31 -6.39
C LEU A 47 -26.26 -4.86 -5.32
N MET A 48 -26.63 -3.58 -5.34
CA MET A 48 -27.65 -3.08 -4.42
C MET A 48 -28.95 -3.86 -4.60
N GLN A 49 -29.34 -4.09 -5.85
CA GLN A 49 -30.53 -4.90 -6.10
C GLN A 49 -30.35 -6.32 -5.60
N ALA A 50 -29.13 -6.85 -5.67
CA ALA A 50 -28.88 -8.16 -5.10
C ALA A 50 -29.22 -8.18 -3.61
N MET A 51 -28.72 -7.19 -2.86
CA MET A 51 -29.03 -7.14 -1.43
C MET A 51 -30.54 -7.02 -1.20
N ARG A 52 -31.19 -6.09 -1.91
CA ARG A 52 -32.62 -5.86 -1.70
C ARG A 52 -33.42 -7.13 -1.96
N PHE A 53 -33.11 -7.82 -3.07
CA PHE A 53 -33.80 -9.05 -3.40
C PHE A 53 -33.59 -10.11 -2.33
N ALA A 54 -32.35 -10.25 -1.85
CA ALA A 54 -32.09 -11.21 -0.77
C ALA A 54 -32.98 -10.94 0.43
N VAL A 55 -33.07 -9.68 0.85
CA VAL A 55 -33.86 -9.36 2.05
C VAL A 55 -35.34 -9.61 1.78
N GLU A 56 -35.83 -9.26 0.59
CA GLU A 56 -37.21 -9.59 0.25
C GLU A 56 -37.45 -11.08 0.40
N GLU A 57 -36.52 -11.90 -0.07
CA GLU A 57 -36.69 -13.34 0.03
C GLU A 57 -36.70 -13.80 1.49
N ILE A 58 -35.85 -13.22 2.33
CA ILE A 58 -35.89 -13.60 3.74
C ILE A 58 -37.24 -13.26 4.33
N ASN A 59 -37.81 -12.12 3.96
CA ASN A 59 -39.13 -11.75 4.45
C ASN A 59 -40.24 -12.64 3.91
N ASN A 60 -40.04 -13.23 2.72
CA ASN A 60 -40.99 -14.22 2.24
C ASN A 60 -40.85 -15.55 2.95
N ASP A 61 -39.61 -15.94 3.28
CA ASP A 61 -39.31 -17.29 3.78
C ASP A 61 -39.64 -17.36 5.26
N SER A 62 -40.81 -17.94 5.57
CA SER A 62 -41.19 -18.18 6.95
C SER A 62 -40.34 -19.26 7.62
N SER A 63 -39.56 -20.03 6.85
CA SER A 63 -38.73 -21.07 7.42
C SER A 63 -37.46 -20.54 8.06
N LEU A 64 -37.06 -19.31 7.70
CA LEU A 64 -35.83 -18.71 8.19
C LEU A 64 -36.06 -17.73 9.34
N LEU A 65 -36.96 -16.77 9.15
CA LEU A 65 -37.29 -15.78 10.17
C LEU A 65 -38.79 -15.55 10.19
N PRO A 66 -39.56 -16.47 10.79
CA PRO A 66 -41.01 -16.31 10.88
C PRO A 66 -41.37 -15.16 11.82
N GLY A 67 -42.21 -14.24 11.34
CA GLY A 67 -42.71 -13.16 12.16
C GLY A 67 -41.73 -12.07 12.49
N VAL A 68 -40.49 -12.15 12.01
CA VAL A 68 -39.47 -11.13 12.24
C VAL A 68 -39.19 -10.43 10.93
N LEU A 69 -39.35 -9.11 10.92
CA LEU A 69 -39.11 -8.31 9.72
C LEU A 69 -37.63 -7.94 9.64
N LEU A 70 -36.91 -8.58 8.73
CA LEU A 70 -35.53 -8.18 8.45
C LEU A 70 -35.55 -6.96 7.54
N GLY A 71 -35.18 -5.81 8.07
CA GLY A 71 -35.14 -4.57 7.31
C GLY A 71 -33.74 -4.25 6.83
N TYR A 72 -33.65 -3.17 6.06
CA TYR A 72 -32.36 -2.70 5.58
C TYR A 72 -32.40 -1.20 5.37
N GLU A 73 -31.25 -0.57 5.58
CA GLU A 73 -31.02 0.84 5.27
C GLU A 73 -29.72 0.93 4.49
N ILE A 74 -29.73 1.71 3.40
CA ILE A 74 -28.65 1.70 2.43
C ILE A 74 -28.15 3.13 2.22
N VAL A 75 -26.85 3.25 1.99
CA VAL A 75 -26.20 4.53 1.74
C VAL A 75 -25.19 4.36 0.61
N ASP A 76 -25.16 5.32 -0.30
CA ASP A 76 -24.18 5.32 -1.37
C ASP A 76 -22.84 5.86 -0.87
N VAL A 77 -21.78 5.08 -1.05
CA VAL A 77 -20.42 5.50 -0.72
C VAL A 77 -19.63 5.53 -2.02
N CYS A 78 -19.23 6.73 -2.44
CA CYS A 78 -18.37 6.89 -3.61
C CYS A 78 -17.09 6.09 -3.43
N TYR A 79 -16.33 5.90 -4.52
CA TYR A 79 -15.21 4.96 -4.56
C TYR A 79 -14.35 4.99 -3.31
N ILE A 80 -13.77 6.14 -2.96
CA ILE A 80 -13.05 6.27 -1.70
C ILE A 80 -13.51 7.53 -0.96
N SER A 81 -14.76 7.94 -1.17
CA SER A 81 -15.27 9.15 -0.55
C SER A 81 -16.67 8.90 0.01
N ASN A 82 -17.12 9.84 0.83
CA ASN A 82 -18.35 9.74 1.62
C ASN A 82 -18.28 8.61 2.64
N ASN A 83 -17.08 8.17 3.02
CA ASN A 83 -16.94 7.27 4.15
C ASN A 83 -17.15 8.06 5.45
N VAL A 84 -17.05 7.36 6.58
CA VAL A 84 -17.18 7.98 7.90
C VAL A 84 -18.62 8.40 8.17
N GLN A 85 -19.22 9.18 7.25
CA GLN A 85 -20.57 9.67 7.48
C GLN A 85 -21.59 8.55 7.66
N PRO A 86 -21.65 7.55 6.79
CA PRO A 86 -22.64 6.48 7.01
C PRO A 86 -22.33 5.63 8.23
N VAL A 87 -21.06 5.50 8.61
CA VAL A 87 -20.73 4.78 9.83
C VAL A 87 -21.29 5.49 11.04
N LEU A 88 -21.14 6.83 11.09
CA LEU A 88 -21.78 7.60 12.15
C LEU A 88 -23.29 7.44 12.10
N TYR A 89 -23.87 7.45 10.90
CA TYR A 89 -25.32 7.29 10.80
C TYR A 89 -25.77 5.93 11.31
N PHE A 90 -24.95 4.90 11.14
CA PHE A 90 -25.31 3.57 11.64
C PHE A 90 -25.14 3.46 13.15
N LEU A 91 -24.03 3.96 13.70
CA LEU A 91 -23.76 3.76 15.12
C LEU A 91 -24.58 4.69 16.01
N ALA A 92 -24.91 5.87 15.53
CA ALA A 92 -25.68 6.81 16.34
C ALA A 92 -27.09 6.27 16.59
N HIS A 93 -27.62 6.55 17.78
CA HIS A 93 -28.91 6.03 18.19
C HIS A 93 -30.04 6.84 17.56
N GLU A 94 -31.28 6.52 17.95
CA GLU A 94 -32.46 7.13 17.34
C GLU A 94 -32.55 8.63 17.60
N ASP A 95 -31.87 9.14 18.62
CA ASP A 95 -31.78 10.58 18.84
C ASP A 95 -30.64 11.21 18.04
N ASN A 96 -29.98 10.44 17.19
CA ASN A 96 -28.90 10.88 16.31
C ASN A 96 -27.63 11.22 17.06
N LEU A 97 -27.49 10.78 18.32
CA LEU A 97 -26.30 11.00 19.11
C LEU A 97 -25.60 9.67 19.38
N LEU A 98 -24.27 9.69 19.24
CA LEU A 98 -23.45 8.52 19.55
C LEU A 98 -22.68 8.78 20.84
N PRO A 99 -22.98 8.07 21.93
CA PRO A 99 -22.30 8.36 23.19
C PRO A 99 -20.90 7.76 23.24
N ILE A 100 -19.98 8.51 23.82
CA ILE A 100 -18.62 8.04 24.03
C ILE A 100 -18.58 7.26 25.35
N GLN A 101 -17.96 6.08 25.32
CA GLN A 101 -17.93 5.22 26.49
C GLN A 101 -16.62 4.44 26.51
N GLU A 102 -16.23 4.03 27.73
CA GLU A 102 -15.09 3.14 27.88
C GLU A 102 -15.41 1.74 27.36
N ASP A 103 -16.55 1.18 27.77
CA ASP A 103 -16.93 -0.18 27.43
C ASP A 103 -18.30 -0.14 26.77
N TYR A 104 -18.40 -0.71 25.56
CA TYR A 104 -19.62 -0.66 24.76
C TYR A 104 -20.41 -1.97 24.80
N SER A 105 -20.12 -2.85 25.76
CA SER A 105 -20.77 -4.15 25.77
C SER A 105 -22.30 -4.04 25.77
N ASN A 106 -22.83 -3.01 26.42
CA ASN A 106 -24.27 -2.84 26.58
C ASN A 106 -24.90 -1.95 25.53
N TYR A 107 -24.12 -1.42 24.58
CA TYR A 107 -24.65 -0.46 23.62
C TYR A 107 -25.34 -1.16 22.46
N SER A 108 -26.33 -0.47 21.89
CA SER A 108 -27.25 -1.05 20.89
C SER A 108 -27.38 -0.07 19.72
N SER A 109 -26.63 -0.32 18.65
CA SER A 109 -26.71 0.51 17.45
C SER A 109 -28.01 0.25 16.69
N ARG A 110 -28.31 1.15 15.75
CA ARG A 110 -29.52 1.01 14.94
C ARG A 110 -29.44 -0.23 14.06
N VAL A 111 -28.31 -0.43 13.38
CA VAL A 111 -28.11 -1.60 12.55
C VAL A 111 -27.44 -2.67 13.39
N VAL A 112 -27.64 -3.94 13.02
CA VAL A 112 -27.00 -5.05 13.70
C VAL A 112 -25.85 -5.65 12.88
N ALA A 113 -25.78 -5.36 11.59
CA ALA A 113 -24.66 -5.81 10.76
C ALA A 113 -24.52 -4.86 9.58
N VAL A 114 -23.34 -4.88 8.97
CA VAL A 114 -23.01 -4.00 7.85
C VAL A 114 -22.55 -4.86 6.68
N ILE A 115 -23.21 -4.71 5.54
CA ILE A 115 -22.76 -5.32 4.28
C ILE A 115 -21.85 -4.28 3.64
N GLY A 116 -20.54 -4.48 3.84
CA GLY A 116 -19.59 -3.40 3.70
C GLY A 116 -19.20 -3.12 2.28
N PRO A 117 -18.39 -2.08 2.11
CA PRO A 117 -18.02 -1.61 0.76
C PRO A 117 -17.28 -2.67 -0.05
N ASP A 118 -17.04 -2.32 -1.31
CA ASP A 118 -16.31 -3.16 -2.25
C ASP A 118 -14.82 -2.85 -2.28
N ASN A 119 -14.46 -1.56 -2.36
CA ASN A 119 -13.07 -1.17 -2.41
C ASN A 119 -12.37 -1.43 -1.09
N SER A 120 -11.12 -1.91 -1.17
CA SER A 120 -10.40 -2.31 0.03
C SER A 120 -10.12 -1.13 0.95
N GLU A 121 -9.75 0.01 0.38
CA GLU A 121 -9.43 1.16 1.22
C GLU A 121 -10.65 1.65 1.99
N SER A 122 -11.81 1.69 1.34
CA SER A 122 -13.04 2.02 2.05
C SER A 122 -13.36 0.99 3.11
N VAL A 123 -13.11 -0.28 2.81
CA VAL A 123 -13.39 -1.34 3.78
C VAL A 123 -12.54 -1.15 5.03
N MET A 124 -11.25 -0.84 4.86
CA MET A 124 -10.39 -0.59 6.01
C MET A 124 -10.80 0.69 6.75
N THR A 125 -11.16 1.74 6.00
CA THR A 125 -11.62 2.97 6.63
C THR A 125 -12.85 2.73 7.50
N VAL A 126 -13.72 1.81 7.08
CA VAL A 126 -14.90 1.48 7.88
C VAL A 126 -14.53 0.53 9.02
N ALA A 127 -13.60 -0.40 8.77
CA ALA A 127 -13.26 -1.40 9.77
C ALA A 127 -12.55 -0.79 10.96
N ASN A 128 -11.64 0.17 10.71
CA ASN A 128 -10.98 0.84 11.82
C ASN A 128 -11.97 1.54 12.73
N PHE A 129 -13.17 1.83 12.23
CA PHE A 129 -14.23 2.45 13.03
C PHE A 129 -15.11 1.39 13.70
N LEU A 130 -15.52 0.37 12.95
CA LEU A 130 -16.43 -0.64 13.49
C LEU A 130 -15.75 -1.54 14.51
N SER A 131 -14.44 -1.79 14.37
CA SER A 131 -13.71 -2.58 15.35
C SER A 131 -13.85 -1.99 16.74
N LEU A 132 -14.05 -0.68 16.83
CA LEU A 132 -14.28 -0.04 18.12
C LEU A 132 -15.52 -0.63 18.80
N PHE A 133 -16.56 -0.93 18.01
CA PHE A 133 -17.79 -1.48 18.53
C PHE A 133 -17.98 -2.95 18.24
N LEU A 134 -17.12 -3.56 17.42
CA LEU A 134 -17.27 -4.96 17.00
C LEU A 134 -18.63 -5.18 16.36
N LEU A 135 -19.05 -4.23 15.53
CA LEU A 135 -20.22 -4.40 14.70
C LEU A 135 -19.86 -5.31 13.53
N PRO A 136 -20.49 -6.47 13.36
CA PRO A 136 -20.06 -7.40 12.31
C PRO A 136 -20.17 -6.76 10.93
N GLN A 137 -19.16 -7.02 10.09
CA GLN A 137 -19.07 -6.43 8.77
C GLN A 137 -18.66 -7.52 7.77
N ILE A 138 -19.50 -7.74 6.76
CA ILE A 138 -19.21 -8.67 5.67
C ILE A 138 -19.00 -7.85 4.41
N THR A 139 -17.84 -8.04 3.77
CA THR A 139 -17.50 -7.30 2.55
C THR A 139 -17.39 -8.27 1.38
N TYR A 140 -18.12 -7.97 0.32
CA TYR A 140 -17.97 -8.65 -0.96
C TYR A 140 -16.85 -8.01 -1.76
N SER A 141 -16.06 -8.84 -2.43
CA SER A 141 -15.19 -8.37 -3.50
C SER A 141 -13.97 -7.57 -3.03
N ALA A 142 -13.84 -7.33 -1.73
CA ALA A 142 -12.65 -6.65 -1.20
C ALA A 142 -11.56 -7.69 -0.98
N ILE A 143 -10.69 -7.86 -1.98
CA ILE A 143 -9.76 -8.98 -2.01
C ILE A 143 -8.42 -8.72 -1.36
N SER A 144 -8.15 -7.49 -0.90
CA SER A 144 -6.84 -7.17 -0.34
C SER A 144 -6.46 -8.19 0.73
N ASP A 145 -5.20 -8.64 0.69
CA ASP A 145 -4.78 -9.74 1.55
C ASP A 145 -4.73 -9.35 3.02
N GLU A 146 -4.40 -8.09 3.33
CA GLU A 146 -4.23 -7.68 4.72
C GLU A 146 -5.51 -7.86 5.52
N LEU A 147 -6.65 -7.96 4.85
CA LEU A 147 -7.93 -8.16 5.53
C LEU A 147 -8.04 -9.53 6.19
N ARG A 148 -7.04 -10.41 6.02
CA ARG A 148 -7.01 -11.65 6.78
C ARG A 148 -6.45 -11.47 8.19
N ASP A 149 -5.87 -10.31 8.49
CA ASP A 149 -5.22 -10.07 9.79
C ASP A 149 -6.30 -9.73 10.83
N LYS A 150 -6.76 -10.77 11.53
CA LYS A 150 -7.82 -10.61 12.52
C LYS A 150 -7.38 -9.85 13.76
N VAL A 151 -6.08 -9.77 14.04
CA VAL A 151 -5.62 -8.88 15.10
C VAL A 151 -5.95 -7.44 14.74
N ARG A 152 -5.79 -7.09 13.46
CA ARG A 152 -5.97 -5.72 13.00
C ARG A 152 -7.42 -5.43 12.64
N PHE A 153 -8.14 -6.43 12.10
CA PHE A 153 -9.52 -6.28 11.66
C PHE A 153 -10.36 -7.41 12.27
N PRO A 154 -10.76 -7.28 13.54
CA PRO A 154 -11.42 -8.42 14.21
C PRO A 154 -12.84 -8.69 13.77
N ALA A 155 -13.56 -7.69 13.25
CA ALA A 155 -14.98 -7.81 12.99
C ALA A 155 -15.31 -8.08 11.52
N LEU A 156 -14.32 -8.33 10.68
CA LEU A 156 -14.47 -8.31 9.23
C LEU A 156 -14.45 -9.73 8.66
N LEU A 157 -15.40 -10.01 7.77
CA LEU A 157 -15.44 -11.27 7.04
C LEU A 157 -15.71 -10.98 5.56
N ARG A 158 -15.46 -11.98 4.72
CA ARG A 158 -15.59 -11.85 3.27
C ARG A 158 -16.33 -13.04 2.69
N THR A 159 -17.13 -12.79 1.65
CA THR A 159 -17.74 -13.84 0.86
C THR A 159 -17.02 -14.04 -0.48
N THR A 160 -15.73 -13.74 -0.53
CA THR A 160 -14.93 -13.95 -1.73
C THR A 160 -13.53 -14.39 -1.32
N PRO A 161 -12.87 -15.21 -2.13
CA PRO A 161 -11.47 -15.57 -1.83
C PRO A 161 -10.55 -14.35 -1.90
N SER A 162 -9.40 -14.48 -1.24
CA SER A 162 -8.43 -13.40 -1.14
C SER A 162 -7.72 -13.17 -2.47
N ALA A 163 -6.89 -12.12 -2.51
CA ALA A 163 -6.07 -11.85 -3.69
C ALA A 163 -5.04 -12.95 -3.92
N ASP A 164 -4.59 -13.59 -2.83
CA ASP A 164 -3.68 -14.73 -2.94
C ASP A 164 -4.17 -15.70 -4.01
N HIS A 165 -5.45 -16.05 -3.96
CA HIS A 165 -5.98 -17.07 -4.86
C HIS A 165 -6.12 -16.55 -6.29
N HIS A 166 -6.44 -15.27 -6.48
CA HIS A 166 -6.43 -14.72 -7.84
C HIS A 166 -5.03 -14.82 -8.45
N ILE A 167 -4.00 -14.44 -7.69
CA ILE A 167 -2.64 -14.51 -8.22
C ILE A 167 -2.25 -15.96 -8.48
N GLU A 168 -2.66 -16.87 -7.60
CA GLU A 168 -2.36 -18.28 -7.82
C GLU A 168 -3.03 -18.80 -9.08
N ALA A 169 -4.28 -18.39 -9.33
CA ALA A 169 -4.95 -18.79 -10.56
C ALA A 169 -4.21 -18.27 -11.78
N MET A 170 -3.79 -17.00 -11.75
CA MET A 170 -3.02 -16.46 -12.87
C MET A 170 -1.76 -17.28 -13.11
N VAL A 171 -1.03 -17.58 -12.04
CA VAL A 171 0.25 -18.28 -12.18
C VAL A 171 0.05 -19.68 -12.72
N GLN A 172 -0.95 -20.41 -12.20
CA GLN A 172 -1.20 -21.76 -12.72
C GLN A 172 -1.70 -21.73 -14.15
N LEU A 173 -2.44 -20.68 -14.55
CA LEU A 173 -2.79 -20.54 -15.96
C LEU A 173 -1.55 -20.36 -16.81
N MET A 174 -0.61 -19.53 -16.36
CA MET A 174 0.63 -19.36 -17.10
C MET A 174 1.41 -20.66 -17.18
N LEU A 175 1.41 -21.44 -16.10
CA LEU A 175 2.14 -22.70 -16.11
C LEU A 175 1.53 -23.71 -17.06
N HIS A 176 0.19 -23.78 -17.13
CA HIS A 176 -0.45 -24.77 -17.97
C HIS A 176 -0.04 -24.61 -19.43
N PHE A 177 -0.03 -23.37 -19.93
CA PHE A 177 0.34 -23.10 -21.30
C PHE A 177 1.81 -22.76 -21.48
N ARG A 178 2.61 -22.82 -20.42
CA ARG A 178 4.06 -22.70 -20.53
C ARG A 178 4.49 -21.31 -20.98
N TRP A 179 3.83 -20.28 -20.44
CA TRP A 179 4.17 -18.87 -20.70
C TRP A 179 5.14 -18.32 -19.65
N ASN A 180 6.40 -18.78 -19.73
CA ASN A 180 7.38 -18.45 -18.70
C ASN A 180 8.00 -17.07 -18.88
N TRP A 181 7.42 -16.22 -19.73
CA TRP A 181 8.02 -14.92 -20.04
C TRP A 181 6.88 -13.93 -20.24
N ILE A 182 6.69 -13.02 -19.26
CA ILE A 182 5.48 -12.22 -19.18
C ILE A 182 5.81 -10.75 -18.88
N ILE A 183 4.80 -9.90 -19.06
CA ILE A 183 4.85 -8.48 -18.73
C ILE A 183 3.72 -8.17 -17.76
N VAL A 184 3.98 -7.27 -16.82
CA VAL A 184 3.01 -6.89 -15.79
C VAL A 184 2.81 -5.39 -15.84
N LEU A 185 1.56 -4.96 -15.89
CA LEU A 185 1.19 -3.54 -15.80
C LEU A 185 0.35 -3.32 -14.55
N VAL A 186 0.66 -2.26 -13.81
CA VAL A 186 -0.05 -1.92 -12.59
C VAL A 186 -0.53 -0.48 -12.65
N SER A 187 -1.67 -0.21 -12.01
CA SER A 187 -2.14 1.15 -11.84
C SER A 187 -1.31 1.87 -10.77
N ASN A 188 -1.17 3.18 -10.93
CA ASN A 188 -0.39 3.99 -9.98
C ASN A 188 -1.20 4.27 -8.73
N ASP A 189 -1.60 3.20 -8.06
CA ASP A 189 -2.33 3.29 -6.80
C ASP A 189 -2.09 2.00 -6.03
N THR A 190 -2.62 1.95 -4.81
CA THR A 190 -2.34 0.84 -3.91
C THR A 190 -2.77 -0.50 -4.51
N TYR A 191 -3.97 -0.54 -5.11
CA TYR A 191 -4.49 -1.79 -5.65
C TYR A 191 -3.54 -2.39 -6.67
N GLY A 192 -3.07 -1.57 -7.61
CA GLY A 192 -2.09 -2.06 -8.56
C GLY A 192 -0.76 -2.38 -7.91
N ARG A 193 -0.29 -1.49 -7.03
CA ARG A 193 1.05 -1.62 -6.48
C ARG A 193 1.23 -2.94 -5.73
N ASP A 194 0.37 -3.20 -4.75
CA ASP A 194 0.57 -4.41 -3.96
C ASP A 194 0.22 -5.67 -4.71
N ASN A 195 -0.71 -5.61 -5.66
CA ASN A 195 -1.02 -6.79 -6.46
C ASN A 195 0.14 -7.15 -7.37
N GLY A 196 0.81 -6.15 -7.95
CA GLY A 196 2.03 -6.44 -8.70
C GLY A 196 3.11 -7.01 -7.81
N GLN A 197 3.26 -6.47 -6.60
CA GLN A 197 4.24 -7.03 -5.68
C GLN A 197 3.93 -8.49 -5.38
N LEU A 198 2.65 -8.81 -5.19
CA LEU A 198 2.23 -10.17 -4.88
C LEU A 198 2.48 -11.12 -6.04
N LEU A 199 2.16 -10.66 -7.27
CA LEU A 199 2.40 -11.50 -8.43
C LEU A 199 3.89 -11.77 -8.61
N GLY A 200 4.73 -10.75 -8.42
CA GLY A 200 6.15 -11.01 -8.49
C GLY A 200 6.61 -12.01 -7.45
N GLU A 201 6.08 -11.90 -6.22
CA GLU A 201 6.50 -12.81 -5.16
C GLU A 201 6.15 -14.24 -5.53
N ARG A 202 4.93 -14.46 -6.06
CA ARG A 202 4.56 -15.80 -6.49
C ARG A 202 5.41 -16.26 -7.66
N VAL A 203 5.60 -15.38 -8.66
CA VAL A 203 6.23 -15.79 -9.91
C VAL A 203 7.65 -16.27 -9.67
N ALA A 204 8.42 -15.52 -8.86
CA ALA A 204 9.82 -15.90 -8.67
C ALA A 204 9.95 -17.31 -8.15
N ARG A 205 8.91 -17.81 -7.45
CA ARG A 205 8.99 -19.13 -6.82
C ARG A 205 8.72 -20.28 -7.78
N ARG A 206 8.18 -20.01 -8.97
CA ARG A 206 7.68 -21.08 -9.85
C ARG A 206 8.43 -21.22 -11.16
N GLY A 207 9.50 -20.45 -11.37
CA GLY A 207 10.25 -20.55 -12.61
C GLY A 207 9.76 -19.71 -13.75
N ILE A 208 8.75 -18.87 -13.53
CA ILE A 208 8.33 -17.91 -14.56
C ILE A 208 9.19 -16.67 -14.43
N CYS A 209 9.41 -15.99 -15.56
CA CYS A 209 10.21 -14.79 -15.60
C CYS A 209 9.33 -13.61 -16.04
N ILE A 210 9.62 -12.45 -15.47
CA ILE A 210 8.81 -11.25 -15.67
C ILE A 210 9.67 -10.28 -16.45
N ALA A 211 9.30 -10.03 -17.71
CA ALA A 211 10.16 -9.25 -18.59
C ALA A 211 10.37 -7.84 -18.06
N PHE A 212 9.29 -7.15 -17.73
CA PHE A 212 9.39 -5.85 -17.06
C PHE A 212 8.04 -5.50 -16.46
N GLN A 213 8.05 -4.48 -15.60
CA GLN A 213 6.85 -4.00 -14.94
C GLN A 213 6.76 -2.49 -15.12
N GLU A 214 5.55 -2.00 -15.40
CA GLU A 214 5.31 -0.60 -15.67
C GLU A 214 4.06 -0.14 -14.95
N THR A 215 4.01 1.16 -14.65
CA THR A 215 2.93 1.76 -13.89
C THR A 215 2.10 2.66 -14.80
N LEU A 216 0.81 2.37 -14.88
CA LEU A 216 -0.10 3.15 -15.72
C LEU A 216 -0.49 4.45 -15.01
N PRO A 217 -0.69 5.54 -15.74
CA PRO A 217 -1.31 6.72 -15.14
C PRO A 217 -2.79 6.52 -14.92
N THR A 218 -3.28 7.00 -13.78
CA THR A 218 -4.67 6.80 -13.37
C THR A 218 -5.58 7.87 -13.98
N LEU A 219 -5.72 7.81 -15.30
CA LEU A 219 -6.51 8.79 -16.03
C LEU A 219 -8.01 8.57 -15.83
N GLN A 220 -8.73 9.65 -15.64
CA GLN A 220 -10.19 9.60 -15.58
C GLN A 220 -10.76 9.38 -16.98
N PRO A 221 -11.68 8.42 -17.16
CA PRO A 221 -12.10 8.07 -18.53
C PRO A 221 -12.81 9.17 -19.28
N ASN A 222 -13.56 10.02 -18.60
CA ASN A 222 -14.33 11.08 -19.25
C ASN A 222 -13.66 12.44 -19.09
N GLN A 223 -12.33 12.45 -19.15
CA GLN A 223 -11.53 13.63 -18.87
C GLN A 223 -10.45 13.77 -19.93
N ASN A 224 -10.04 15.00 -20.19
CA ASN A 224 -9.02 15.26 -21.19
C ASN A 224 -7.64 14.86 -20.70
N MET A 225 -6.74 14.62 -21.65
CA MET A 225 -5.42 14.07 -21.38
C MET A 225 -4.36 15.10 -21.79
N THR A 226 -3.38 15.29 -20.91
CA THR A 226 -2.30 16.23 -21.16
C THR A 226 -1.21 15.61 -22.02
N SER A 227 -0.27 16.45 -22.45
CA SER A 227 0.84 15.99 -23.29
C SER A 227 1.66 14.91 -22.61
N GLU A 228 2.06 15.17 -21.35
CA GLU A 228 2.95 14.24 -20.66
C GLU A 228 2.28 12.88 -20.45
N GLU A 229 1.00 12.87 -20.11
CA GLU A 229 0.29 11.61 -19.92
C GLU A 229 0.23 10.81 -21.23
N ARG A 230 -0.06 11.49 -22.33
CA ARG A 230 -0.10 10.83 -23.62
C ARG A 230 1.26 10.25 -23.99
N GLN A 231 2.33 11.00 -23.71
CA GLN A 231 3.66 10.49 -23.99
C GLN A 231 4.02 9.32 -23.09
N ARG A 232 3.53 9.32 -21.85
CA ARG A 232 3.72 8.16 -20.98
C ARG A 232 3.05 6.92 -21.57
N LEU A 233 1.81 7.08 -22.06
CA LEU A 233 1.11 5.96 -22.67
C LEU A 233 1.89 5.44 -23.88
N VAL A 234 2.39 6.34 -24.71
CA VAL A 234 3.20 5.93 -25.86
C VAL A 234 4.44 5.18 -25.38
N THR A 235 5.10 5.69 -24.34
CA THR A 235 6.34 5.09 -23.86
C THR A 235 6.10 3.69 -23.32
N ILE A 236 4.92 3.43 -22.75
CA ILE A 236 4.60 2.09 -22.28
C ILE A 236 4.29 1.16 -23.45
N VAL A 237 3.41 1.60 -24.35
CA VAL A 237 3.00 0.72 -25.43
C VAL A 237 4.16 0.42 -26.38
N ASP A 238 5.14 1.32 -26.48
CA ASP A 238 6.32 1.00 -27.28
C ASP A 238 7.08 -0.18 -26.67
N LYS A 239 7.26 -0.18 -25.36
CA LYS A 239 7.91 -1.32 -24.71
C LYS A 239 7.10 -2.59 -24.91
N LEU A 240 5.77 -2.48 -24.88
CA LEU A 240 4.94 -3.64 -25.22
C LEU A 240 5.26 -4.13 -26.63
N GLN A 241 5.35 -3.21 -27.59
CA GLN A 241 5.49 -3.61 -28.99
C GLN A 241 6.86 -4.21 -29.28
N GLN A 242 7.91 -3.72 -28.62
CA GLN A 242 9.26 -4.18 -28.93
C GLN A 242 9.65 -5.47 -28.21
N SER A 243 9.04 -5.77 -27.07
CA SER A 243 9.47 -6.90 -26.26
C SER A 243 8.94 -8.21 -26.81
N THR A 244 9.68 -9.29 -26.53
CA THR A 244 9.30 -10.62 -26.98
C THR A 244 8.24 -11.29 -26.12
N ALA A 245 7.93 -10.74 -24.94
CA ALA A 245 6.92 -11.30 -24.05
C ALA A 245 5.54 -10.91 -24.56
N ARG A 246 4.78 -11.88 -25.05
CA ARG A 246 3.47 -11.64 -25.66
C ARG A 246 2.31 -11.90 -24.69
N VAL A 247 2.59 -11.96 -23.39
CA VAL A 247 1.56 -12.13 -22.37
C VAL A 247 1.64 -10.94 -21.43
N VAL A 248 0.52 -10.25 -21.25
CA VAL A 248 0.47 -9.00 -20.49
C VAL A 248 -0.58 -9.15 -19.40
N VAL A 249 -0.16 -8.98 -18.15
CA VAL A 249 -1.06 -9.04 -17.00
C VAL A 249 -1.32 -7.62 -16.53
N VAL A 250 -2.59 -7.25 -16.36
CA VAL A 250 -2.96 -5.88 -16.03
C VAL A 250 -3.69 -5.87 -14.69
N PHE A 251 -3.15 -5.11 -13.74
CA PHE A 251 -3.78 -4.85 -12.43
C PHE A 251 -4.18 -3.39 -12.38
N SER A 252 -5.46 -3.10 -12.58
CA SER A 252 -5.93 -1.72 -12.54
C SER A 252 -7.42 -1.69 -12.25
N PRO A 253 -7.92 -0.62 -11.62
CA PRO A 253 -9.37 -0.39 -11.60
C PRO A 253 -9.92 -0.25 -13.01
N ASP A 254 -11.19 -0.62 -13.17
CA ASP A 254 -11.83 -0.56 -14.48
C ASP A 254 -11.72 0.83 -15.11
N LEU A 255 -11.77 1.88 -14.29
CA LEU A 255 -11.91 3.23 -14.82
C LEU A 255 -10.71 3.64 -15.68
N THR A 256 -9.50 3.30 -15.26
CA THR A 256 -8.30 3.85 -15.88
C THR A 256 -8.00 3.26 -17.24
N LEU A 257 -8.47 2.05 -17.53
CA LEU A 257 -8.04 1.32 -18.71
C LEU A 257 -8.63 1.85 -20.01
N TYR A 258 -9.76 2.56 -19.94
CA TYR A 258 -10.42 3.04 -21.15
C TYR A 258 -9.46 3.85 -22.01
N HIS A 259 -8.64 4.70 -21.40
CA HIS A 259 -7.66 5.47 -22.15
C HIS A 259 -6.53 4.59 -22.66
N PHE A 260 -6.07 3.65 -21.83
CA PHE A 260 -4.89 2.85 -22.20
C PHE A 260 -5.15 2.06 -23.47
N PHE A 261 -6.22 1.28 -23.50
CA PHE A 261 -6.46 0.39 -24.63
C PHE A 261 -6.67 1.16 -25.92
N ASN A 262 -7.35 2.31 -25.86
CA ASN A 262 -7.45 3.16 -27.04
C ASN A 262 -6.07 3.40 -27.64
N GLU A 263 -5.11 3.78 -26.81
CA GLU A 263 -3.76 4.01 -27.31
C GLU A 263 -3.19 2.74 -27.92
N VAL A 264 -3.41 1.60 -27.25
CA VAL A 264 -2.96 0.33 -27.81
C VAL A 264 -3.58 0.12 -29.18
N LEU A 265 -4.86 0.47 -29.34
CA LEU A 265 -5.49 0.37 -30.65
C LEU A 265 -4.85 1.35 -31.63
N ARG A 266 -4.50 2.54 -31.16
CA ARG A 266 -3.90 3.53 -32.04
C ARG A 266 -2.53 3.09 -32.55
N GLN A 267 -1.78 2.33 -31.73
CA GLN A 267 -0.44 1.90 -32.09
C GLN A 267 -0.42 0.69 -33.01
N ASN A 268 -1.56 0.23 -33.50
CA ASN A 268 -1.63 -0.93 -34.40
C ASN A 268 -1.11 -2.19 -33.73
N PHE A 269 -1.10 -2.22 -32.40
CA PHE A 269 -0.66 -3.40 -31.67
C PHE A 269 -1.63 -4.55 -31.84
N THR A 270 -1.09 -5.77 -31.86
CA THR A 270 -1.92 -6.95 -32.03
C THR A 270 -1.18 -8.18 -31.52
N GLY A 271 -1.95 -9.20 -31.14
CA GLY A 271 -1.41 -10.53 -30.94
C GLY A 271 -0.92 -10.87 -29.55
N ALA A 272 -1.40 -10.18 -28.52
CA ALA A 272 -1.03 -10.51 -27.16
C ALA A 272 -2.17 -11.21 -26.44
N VAL A 273 -1.82 -11.95 -25.38
CA VAL A 273 -2.79 -12.50 -24.44
C VAL A 273 -2.85 -11.55 -23.25
N TRP A 274 -4.01 -10.94 -23.03
CA TRP A 274 -4.22 -10.01 -21.93
C TRP A 274 -4.91 -10.75 -20.80
N ILE A 275 -4.30 -10.73 -19.62
CA ILE A 275 -4.83 -11.38 -18.43
C ILE A 275 -5.31 -10.28 -17.48
N ALA A 276 -6.60 -10.32 -17.17
CA ALA A 276 -7.30 -9.29 -16.42
C ALA A 276 -7.50 -9.74 -14.98
N SER A 277 -7.32 -8.80 -14.06
CA SER A 277 -7.66 -9.03 -12.66
C SER A 277 -9.14 -8.75 -12.43
N GLU A 278 -9.63 -9.22 -11.28
CA GLU A 278 -11.07 -9.18 -11.01
C GLU A 278 -11.63 -7.76 -11.04
N SER A 279 -10.79 -6.74 -10.86
CA SER A 279 -11.31 -5.37 -10.84
C SER A 279 -11.86 -4.93 -12.18
N TRP A 280 -11.43 -5.55 -13.28
CA TRP A 280 -12.00 -5.25 -14.59
C TRP A 280 -12.28 -6.47 -15.45
N ALA A 281 -12.10 -7.69 -14.95
CA ALA A 281 -12.21 -8.87 -15.79
C ALA A 281 -13.61 -9.08 -16.35
N ILE A 282 -14.65 -8.54 -15.72
CA ILE A 282 -16.02 -8.77 -16.17
C ILE A 282 -16.76 -7.45 -16.31
N ASP A 283 -16.05 -6.39 -16.64
CA ASP A 283 -16.68 -5.07 -16.78
C ASP A 283 -17.44 -4.99 -18.10
N PRO A 284 -18.75 -4.78 -18.10
CA PRO A 284 -19.47 -4.58 -19.37
C PRO A 284 -19.01 -3.36 -20.13
N VAL A 285 -18.59 -2.29 -19.43
CA VAL A 285 -18.29 -1.03 -20.10
C VAL A 285 -17.07 -1.19 -21.00
N LEU A 286 -16.07 -1.94 -20.54
CA LEU A 286 -14.90 -2.22 -21.38
C LEU A 286 -15.23 -3.23 -22.46
N HIS A 287 -16.04 -4.24 -22.14
CA HIS A 287 -16.38 -5.28 -23.10
C HIS A 287 -17.04 -4.72 -24.34
N ASN A 288 -17.87 -3.68 -24.17
CA ASN A 288 -18.66 -3.17 -25.28
C ASN A 288 -17.82 -2.48 -26.34
N LEU A 289 -16.56 -2.18 -26.06
CA LEU A 289 -15.65 -1.65 -27.09
C LEU A 289 -15.39 -2.75 -28.10
N THR A 290 -15.95 -2.60 -29.30
CA THR A 290 -15.90 -3.68 -30.29
C THR A 290 -14.47 -3.98 -30.74
N GLU A 291 -13.61 -2.96 -30.83
CA GLU A 291 -12.32 -3.13 -31.47
C GLU A 291 -11.33 -3.96 -30.66
N LEU A 292 -11.60 -4.21 -29.38
CA LEU A 292 -10.67 -5.03 -28.59
C LEU A 292 -10.46 -6.39 -29.22
N ARG A 293 -11.41 -6.86 -30.04
CA ARG A 293 -11.24 -8.13 -30.73
C ARG A 293 -9.89 -8.22 -31.43
N HIS A 294 -9.39 -7.09 -31.93
CA HIS A 294 -8.22 -7.10 -32.79
C HIS A 294 -6.89 -7.00 -32.02
N LEU A 295 -6.93 -6.85 -30.70
CA LEU A 295 -5.71 -6.82 -29.90
C LEU A 295 -5.24 -8.21 -29.49
N GLY A 296 -6.08 -9.24 -29.61
CA GLY A 296 -5.69 -10.59 -29.25
C GLY A 296 -6.70 -11.31 -28.38
N THR A 297 -6.21 -12.08 -27.42
CA THR A 297 -7.05 -12.91 -26.55
C THR A 297 -7.19 -12.26 -25.19
N PHE A 298 -8.42 -12.18 -24.69
CA PHE A 298 -8.71 -11.56 -23.41
C PHE A 298 -9.21 -12.61 -22.44
N LEU A 299 -8.44 -12.85 -21.38
CA LEU A 299 -8.78 -13.78 -20.30
C LEU A 299 -8.80 -13.02 -18.98
N GLY A 300 -9.65 -13.48 -18.07
CA GLY A 300 -9.79 -12.81 -16.79
C GLY A 300 -10.23 -13.71 -15.67
N ILE A 301 -9.72 -13.47 -14.46
CA ILE A 301 -10.02 -14.28 -13.29
C ILE A 301 -11.13 -13.59 -12.50
N THR A 302 -12.15 -14.34 -12.10
CA THR A 302 -13.32 -13.76 -11.45
C THR A 302 -13.95 -14.80 -10.54
N ILE A 303 -14.88 -14.34 -9.70
CA ILE A 303 -15.62 -15.27 -8.86
C ILE A 303 -16.54 -16.13 -9.72
N GLN A 304 -16.85 -17.33 -9.23
CA GLN A 304 -17.67 -18.30 -9.94
C GLN A 304 -19.04 -17.73 -10.32
N SER A 305 -19.71 -18.39 -11.26
CA SER A 305 -21.06 -18.03 -11.68
C SER A 305 -22.07 -18.92 -10.98
N VAL A 306 -23.09 -18.29 -10.38
CA VAL A 306 -24.16 -19.01 -9.70
C VAL A 306 -25.50 -18.43 -10.13
N PRO A 307 -26.33 -19.18 -10.88
CA PRO A 307 -27.62 -18.62 -11.34
C PRO A 307 -28.63 -18.46 -10.23
N ILE A 308 -28.96 -17.22 -9.89
CA ILE A 308 -29.96 -16.97 -8.85
C ILE A 308 -31.33 -17.38 -9.36
N PRO A 309 -32.22 -17.93 -8.52
CA PRO A 309 -33.55 -18.33 -8.99
C PRO A 309 -34.52 -17.16 -9.17
N GLY A 310 -34.46 -16.49 -10.31
CA GLY A 310 -35.40 -15.43 -10.62
C GLY A 310 -34.94 -14.03 -10.29
N PHE A 311 -33.63 -13.77 -10.32
CA PHE A 311 -33.13 -12.44 -9.98
C PHE A 311 -33.48 -11.42 -11.04
N SER A 312 -33.44 -11.82 -12.32
CA SER A 312 -33.66 -10.85 -13.39
C SER A 312 -35.07 -10.28 -13.35
N GLU A 313 -36.06 -11.12 -13.08
CA GLU A 313 -37.44 -10.62 -13.02
C GLU A 313 -37.62 -9.61 -11.91
N PHE A 314 -36.80 -9.67 -10.87
CA PHE A 314 -36.78 -8.61 -9.86
C PHE A 314 -36.00 -7.39 -10.36
N ARG A 315 -34.93 -7.64 -11.11
CA ARG A 315 -34.11 -6.55 -11.65
C ARG A 315 -34.89 -5.72 -12.66
N GLU A 316 -35.87 -6.32 -13.33
CA GLU A 316 -36.72 -5.60 -14.26
C GLU A 316 -37.42 -4.43 -13.57
N THR A 334 -29.25 10.46 6.20
CA THR A 334 -30.27 11.41 5.75
C THR A 334 -29.90 12.00 4.38
N CYS A 335 -28.75 11.59 3.85
CA CYS A 335 -28.31 12.06 2.55
C CYS A 335 -27.60 10.90 1.84
N ASN A 336 -27.47 11.04 0.52
CA ASN A 336 -26.84 10.02 -0.32
C ASN A 336 -27.63 8.72 -0.35
N GLN A 337 -28.91 8.76 -0.01
CA GLN A 337 -29.79 7.60 -0.06
C GLN A 337 -30.67 7.62 -1.29
N GLU A 338 -30.14 8.10 -2.42
CA GLU A 338 -30.95 8.28 -3.63
C GLU A 338 -30.04 8.19 -4.84
N CYS A 339 -30.63 7.75 -5.95
CA CYS A 339 -29.95 7.77 -7.25
C CYS A 339 -30.99 8.01 -8.33
N ASP A 340 -30.82 9.08 -9.10
CA ASP A 340 -31.75 9.39 -10.18
C ASP A 340 -31.38 8.68 -11.47
N ASN A 341 -30.09 8.64 -11.80
CA ASN A 341 -29.64 8.13 -13.10
C ASN A 341 -29.60 6.61 -13.18
N CYS A 342 -29.69 5.91 -12.05
CA CYS A 342 -29.38 4.48 -12.04
C CYS A 342 -30.28 3.69 -12.98
N LEU A 343 -31.59 3.94 -12.95
CA LEU A 343 -32.52 3.11 -13.70
C LEU A 343 -32.31 3.25 -15.21
N ASN A 344 -32.30 4.48 -15.71
CA ASN A 344 -32.12 4.68 -17.14
C ASN A 344 -30.75 4.20 -17.61
N ALA A 345 -29.72 4.38 -16.78
CA ALA A 345 -28.38 3.90 -17.15
C ALA A 345 -28.36 2.38 -17.25
N THR A 346 -28.95 1.70 -16.26
CA THR A 346 -28.93 0.24 -16.24
C THR A 346 -29.80 -0.37 -17.34
N LEU A 347 -30.89 0.32 -17.71
CA LEU A 347 -31.75 -0.22 -18.77
C LEU A 347 -31.01 -0.37 -20.09
N SER A 348 -29.95 0.41 -20.30
CA SER A 348 -29.16 0.26 -21.52
C SER A 348 -28.33 -1.01 -21.49
N PHE A 349 -27.95 -1.49 -20.31
CA PHE A 349 -27.19 -2.72 -20.16
C PHE A 349 -28.06 -3.94 -19.84
N ASN A 350 -29.35 -3.73 -19.57
CA ASN A 350 -30.16 -4.81 -19.00
C ASN A 350 -30.02 -6.11 -19.78
N THR A 351 -29.98 -6.04 -21.11
CA THR A 351 -29.98 -7.26 -21.89
C THR A 351 -28.67 -8.04 -21.69
N ILE A 352 -27.53 -7.35 -21.75
CA ILE A 352 -26.26 -8.03 -21.54
C ILE A 352 -26.14 -8.50 -20.10
N LEU A 353 -26.67 -7.72 -19.14
CA LEU A 353 -26.66 -8.15 -17.75
C LEU A 353 -27.41 -9.47 -17.57
N ARG A 354 -28.61 -9.56 -18.16
CA ARG A 354 -29.38 -10.80 -18.09
C ARG A 354 -28.66 -11.92 -18.84
N LEU A 355 -28.10 -11.61 -20.02
CA LEU A 355 -27.39 -12.60 -20.80
C LEU A 355 -26.12 -13.07 -20.10
N SER A 356 -25.44 -12.18 -19.40
CA SER A 356 -24.28 -12.57 -18.61
C SER A 356 -24.72 -13.40 -17.40
N GLY A 357 -23.72 -13.94 -16.70
CA GLY A 357 -23.96 -14.67 -15.46
C GLY A 357 -24.11 -13.74 -14.27
N GLU A 358 -24.36 -14.37 -13.11
CA GLU A 358 -24.44 -13.68 -11.83
C GLU A 358 -23.26 -14.12 -10.98
N ARG A 359 -22.31 -13.21 -10.74
CA ARG A 359 -21.06 -13.61 -10.10
C ARG A 359 -20.81 -12.97 -8.74
N VAL A 360 -20.78 -11.64 -8.67
CA VAL A 360 -20.62 -10.95 -7.38
C VAL A 360 -21.97 -10.78 -6.69
N VAL A 361 -23.04 -10.69 -7.49
CA VAL A 361 -24.39 -10.73 -6.96
C VAL A 361 -24.54 -11.86 -5.96
N TYR A 362 -23.93 -13.01 -6.23
CA TYR A 362 -24.00 -14.12 -5.31
C TYR A 362 -23.24 -13.81 -4.03
N SER A 363 -22.14 -13.06 -4.11
CA SER A 363 -21.46 -12.67 -2.88
C SER A 363 -22.37 -11.84 -1.99
N VAL A 364 -23.06 -10.86 -2.59
CA VAL A 364 -23.95 -10.02 -1.77
C VAL A 364 -25.10 -10.86 -1.20
N TYR A 365 -25.68 -11.72 -2.04
CA TYR A 365 -26.81 -12.53 -1.65
C TYR A 365 -26.46 -13.48 -0.50
N SER A 366 -25.32 -14.18 -0.64
CA SER A 366 -24.88 -15.10 0.40
C SER A 366 -24.46 -14.36 1.66
N ALA A 367 -23.92 -13.14 1.54
CA ALA A 367 -23.61 -12.36 2.73
C ALA A 367 -24.87 -12.05 3.53
N VAL A 368 -25.93 -11.58 2.85
CA VAL A 368 -27.18 -11.31 3.55
C VAL A 368 -27.72 -12.59 4.17
N TYR A 369 -27.61 -13.72 3.46
CA TYR A 369 -28.07 -14.98 4.02
C TYR A 369 -27.25 -15.41 5.23
N ALA A 370 -25.94 -15.12 5.22
CA ALA A 370 -25.10 -15.41 6.38
C ALA A 370 -25.57 -14.62 7.59
N VAL A 371 -25.80 -13.32 7.42
CA VAL A 371 -26.33 -12.52 8.53
C VAL A 371 -27.66 -13.07 8.98
N ALA A 372 -28.52 -13.47 8.03
CA ALA A 372 -29.83 -13.98 8.39
C ALA A 372 -29.74 -15.26 9.21
N HIS A 373 -28.87 -16.18 8.82
CA HIS A 373 -28.71 -17.42 9.59
C HIS A 373 -28.12 -17.12 10.97
N ALA A 374 -27.13 -16.23 11.04
CA ALA A 374 -26.53 -15.91 12.32
C ALA A 374 -27.57 -15.33 13.28
N LEU A 375 -28.37 -14.37 12.81
CA LEU A 375 -29.42 -13.81 13.64
C LEU A 375 -30.47 -14.87 13.98
N HIS A 376 -30.81 -15.73 13.02
CA HIS A 376 -31.82 -16.77 13.24
C HIS A 376 -31.41 -17.69 14.37
N SER A 377 -30.15 -18.11 14.39
CA SER A 377 -29.67 -18.96 15.47
C SER A 377 -29.46 -18.18 16.76
N LEU A 378 -29.03 -16.92 16.68
CA LEU A 378 -28.80 -16.12 17.87
C LEU A 378 -30.09 -15.90 18.65
N LEU A 379 -31.16 -15.55 17.95
CA LEU A 379 -32.46 -15.43 18.61
C LEU A 379 -33.01 -16.78 19.03
N GLY A 380 -32.42 -17.88 18.57
CA GLY A 380 -32.91 -19.20 18.93
C GLY A 380 -34.28 -19.50 18.38
N CYS A 381 -34.64 -18.90 17.25
CA CYS A 381 -35.97 -19.11 16.70
C CYS A 381 -36.17 -20.57 16.33
N ASP A 382 -37.38 -21.08 16.61
CA ASP A 382 -37.68 -22.50 16.50
C ASP A 382 -38.30 -22.88 15.16
N LYS A 383 -38.22 -22.01 14.16
CA LYS A 383 -38.76 -22.25 12.82
C LYS A 383 -40.29 -22.28 12.81
N SER A 384 -40.92 -21.88 13.91
CA SER A 384 -42.34 -21.54 13.93
C SER A 384 -42.59 -20.17 14.54
N THR A 385 -41.81 -19.79 15.56
CA THR A 385 -41.92 -18.47 16.16
C THR A 385 -40.55 -18.06 16.69
N CYS A 386 -40.30 -16.76 16.70
CA CYS A 386 -39.03 -16.21 17.14
C CYS A 386 -39.24 -15.34 18.37
N THR A 387 -38.38 -15.50 19.36
CA THR A 387 -38.41 -14.69 20.57
C THR A 387 -37.59 -13.43 20.32
N LYS A 388 -38.30 -12.34 20.01
CA LYS A 388 -37.63 -11.09 19.70
C LYS A 388 -36.90 -10.55 20.93
N ARG A 389 -35.72 -10.00 20.69
CA ARG A 389 -34.81 -9.66 21.78
C ARG A 389 -33.94 -8.48 21.36
N VAL A 390 -33.43 -7.75 22.34
CA VAL A 390 -32.41 -6.74 22.08
C VAL A 390 -31.10 -7.45 21.78
N VAL A 391 -30.50 -7.11 20.65
CA VAL A 391 -29.27 -7.75 20.17
C VAL A 391 -28.14 -6.74 20.24
N TYR A 392 -27.07 -7.10 20.93
CA TYR A 392 -25.83 -6.32 20.94
C TYR A 392 -24.92 -6.83 19.82
N PRO A 393 -24.39 -5.96 18.95
CA PRO A 393 -23.72 -6.46 17.75
C PRO A 393 -22.64 -7.51 17.98
N TRP A 394 -21.81 -7.37 19.02
CA TRP A 394 -20.75 -8.35 19.24
C TRP A 394 -21.30 -9.75 19.46
N GLN A 395 -22.50 -9.86 20.03
CA GLN A 395 -23.13 -11.15 20.21
C GLN A 395 -23.42 -11.82 18.87
N LEU A 396 -23.79 -11.02 17.87
CA LEU A 396 -24.01 -11.54 16.53
C LEU A 396 -22.69 -11.82 15.82
N LEU A 397 -21.68 -10.98 16.07
CA LEU A 397 -20.37 -11.20 15.47
C LEU A 397 -19.79 -12.54 15.90
N GLU A 398 -19.96 -12.90 17.18
CA GLU A 398 -19.42 -14.17 17.64
C GLU A 398 -20.19 -15.37 17.08
N GLU A 399 -21.40 -15.17 16.56
CA GLU A 399 -22.14 -16.23 15.90
C GLU A 399 -21.82 -16.35 14.41
N ILE A 400 -21.58 -15.22 13.73
CA ILE A 400 -21.40 -15.24 12.29
C ILE A 400 -20.25 -16.15 11.86
N TRP A 401 -19.34 -16.49 12.78
CA TRP A 401 -18.25 -17.39 12.44
C TRP A 401 -18.68 -18.85 12.40
N LYS A 402 -19.79 -19.21 13.04
CA LYS A 402 -20.20 -20.60 13.20
C LYS A 402 -21.28 -21.02 12.22
N VAL A 403 -21.70 -20.16 11.31
CA VAL A 403 -22.71 -20.52 10.32
C VAL A 403 -22.09 -21.45 9.28
N ASN A 404 -22.84 -22.46 8.87
CA ASN A 404 -22.36 -23.45 7.90
C ASN A 404 -23.60 -24.00 7.20
N PHE A 405 -23.85 -23.54 5.97
CA PHE A 405 -25.11 -23.94 5.34
C PHE A 405 -25.03 -23.91 3.83
N THR A 406 -25.95 -24.66 3.22
CA THR A 406 -26.07 -24.70 1.77
C THR A 406 -26.95 -23.56 1.28
N LEU A 407 -26.53 -22.94 0.18
CA LEU A 407 -27.28 -21.87 -0.47
C LEU A 407 -27.04 -22.00 -1.96
N LEU A 408 -28.04 -22.45 -2.70
CA LEU A 408 -27.89 -22.77 -4.12
C LEU A 408 -26.80 -23.83 -4.30
N ASP A 409 -26.87 -24.87 -3.47
CA ASP A 409 -26.03 -26.06 -3.60
C ASP A 409 -24.57 -25.82 -3.25
N HIS A 410 -24.18 -24.58 -2.95
CA HIS A 410 -22.85 -24.34 -2.40
C HIS A 410 -22.92 -24.23 -0.89
N GLN A 411 -22.02 -24.94 -0.22
CA GLN A 411 -21.80 -24.68 1.20
C GLN A 411 -21.09 -23.36 1.37
N ILE A 412 -21.60 -22.52 2.26
CA ILE A 412 -20.89 -21.33 2.71
C ILE A 412 -20.63 -21.49 4.19
N PHE A 413 -19.35 -21.33 4.55
CA PHE A 413 -18.85 -21.26 5.92
C PHE A 413 -17.56 -20.47 5.85
N PHE A 414 -17.17 -19.88 6.98
CA PHE A 414 -16.04 -18.96 7.00
C PHE A 414 -14.79 -19.65 7.51
N ASP A 415 -13.68 -19.38 6.83
CA ASP A 415 -12.37 -19.78 7.33
C ASP A 415 -12.11 -19.11 8.68
N PRO A 416 -11.17 -19.64 9.46
CA PRO A 416 -10.76 -18.93 10.67
C PRO A 416 -10.26 -17.52 10.37
N GLN A 417 -9.73 -17.29 9.17
CA GLN A 417 -9.25 -15.97 8.78
C GLN A 417 -10.33 -15.12 8.12
N GLY A 418 -11.49 -15.69 7.80
CA GLY A 418 -12.67 -14.91 7.46
C GLY A 418 -13.21 -15.08 6.04
N ASP A 419 -12.59 -15.89 5.20
CA ASP A 419 -13.01 -16.02 3.80
C ASP A 419 -13.99 -17.17 3.62
N VAL A 420 -14.97 -16.97 2.74
CA VAL A 420 -15.74 -18.07 2.18
C VAL A 420 -15.02 -18.58 0.94
N ALA A 421 -14.80 -19.89 0.87
CA ALA A 421 -13.98 -20.49 -0.18
C ALA A 421 -14.83 -20.80 -1.41
N LEU A 422 -15.30 -19.73 -2.06
CA LEU A 422 -15.97 -19.87 -3.34
C LEU A 422 -14.96 -20.12 -4.45
N HIS A 423 -15.40 -20.86 -5.47
CA HIS A 423 -14.53 -21.15 -6.60
C HIS A 423 -14.28 -19.89 -7.43
N LEU A 424 -13.09 -19.82 -8.01
CA LEU A 424 -12.81 -18.85 -9.05
C LEU A 424 -12.92 -19.51 -10.41
N GLU A 425 -13.19 -18.67 -11.43
CA GLU A 425 -13.26 -19.14 -12.80
C GLU A 425 -12.53 -18.16 -13.69
N ILE A 426 -12.08 -18.67 -14.83
CA ILE A 426 -11.37 -17.88 -15.83
C ILE A 426 -12.31 -17.72 -17.03
N VAL A 427 -12.55 -16.47 -17.42
CA VAL A 427 -13.49 -16.13 -18.48
C VAL A 427 -12.70 -15.59 -19.66
N GLN A 428 -12.95 -16.13 -20.85
CA GLN A 428 -12.54 -15.52 -22.09
C GLN A 428 -13.62 -14.57 -22.56
N TRP A 429 -13.21 -13.40 -23.05
CA TRP A 429 -14.17 -12.46 -23.60
C TRP A 429 -14.57 -12.89 -25.00
N GLN A 430 -15.88 -12.99 -25.23
CA GLN A 430 -16.43 -13.33 -26.54
C GLN A 430 -17.41 -12.24 -26.97
N TRP A 431 -17.35 -11.87 -28.25
CA TRP A 431 -18.05 -10.70 -28.75
C TRP A 431 -19.26 -11.03 -29.61
N ASP A 432 -19.71 -12.28 -29.63
CA ASP A 432 -21.01 -12.60 -30.19
C ASP A 432 -22.09 -12.14 -29.21
N ARG A 433 -22.80 -11.08 -29.56
CA ARG A 433 -23.76 -10.49 -28.64
C ARG A 433 -24.97 -11.39 -28.38
N SER A 434 -25.07 -12.53 -29.06
CA SER A 434 -26.27 -13.36 -29.00
C SER A 434 -26.32 -14.29 -27.80
N GLN A 435 -25.18 -14.78 -27.31
CA GLN A 435 -25.22 -15.87 -26.33
C GLN A 435 -24.67 -15.49 -24.96
N ASN A 436 -23.41 -15.04 -24.89
CA ASN A 436 -22.80 -14.78 -23.59
C ASN A 436 -21.49 -14.01 -23.76
N PRO A 437 -21.27 -12.93 -22.99
CA PRO A 437 -20.04 -12.14 -23.17
C PRO A 437 -18.80 -12.76 -22.54
N PHE A 438 -18.94 -13.54 -21.47
CA PHE A 438 -17.79 -14.01 -20.67
C PHE A 438 -17.88 -15.52 -20.53
N GLN A 439 -17.26 -16.25 -21.46
CA GLN A 439 -17.34 -17.71 -21.43
C GLN A 439 -16.30 -18.30 -20.49
N SER A 440 -16.75 -19.12 -19.55
CA SER A 440 -15.83 -19.80 -18.65
C SER A 440 -15.05 -20.89 -19.39
N VAL A 441 -13.73 -20.80 -19.33
CA VAL A 441 -12.83 -21.77 -19.97
C VAL A 441 -12.06 -22.60 -18.95
N ALA A 442 -12.18 -22.28 -17.66
CA ALA A 442 -11.48 -23.01 -16.62
C ALA A 442 -12.19 -22.74 -15.30
N SER A 443 -11.82 -23.52 -14.28
CA SER A 443 -12.31 -23.30 -12.92
C SER A 443 -11.13 -23.45 -11.98
N TYR A 444 -11.20 -22.81 -10.82
CA TYR A 444 -10.12 -22.85 -9.85
C TYR A 444 -10.69 -23.15 -8.47
N TYR A 445 -10.08 -24.12 -7.79
CA TYR A 445 -10.53 -24.57 -6.47
C TYR A 445 -9.55 -24.07 -5.41
N PRO A 446 -9.95 -23.09 -4.58
CA PRO A 446 -9.01 -22.55 -3.58
C PRO A 446 -8.79 -23.46 -2.39
N LEU A 447 -9.77 -24.27 -2.00
CA LEU A 447 -9.53 -25.21 -0.91
C LEU A 447 -8.46 -26.22 -1.28
N GLN A 448 -8.36 -26.55 -2.58
CA GLN A 448 -7.30 -27.40 -3.09
C GLN A 448 -6.20 -26.61 -3.77
N ARG A 449 -6.40 -25.31 -3.98
CA ARG A 449 -5.40 -24.43 -4.57
C ARG A 449 -4.96 -24.96 -5.93
N GLN A 450 -5.92 -25.38 -6.74
CA GLN A 450 -5.58 -25.97 -8.04
C GLN A 450 -6.52 -25.48 -9.13
N LEU A 451 -5.95 -25.20 -10.29
CA LEU A 451 -6.72 -24.88 -11.48
C LEU A 451 -7.08 -26.15 -12.23
N LYS A 452 -8.35 -26.30 -12.60
CA LYS A 452 -8.86 -27.51 -13.23
C LYS A 452 -9.86 -27.15 -14.33
N ASN A 453 -10.26 -28.18 -15.08
CA ASN A 453 -11.31 -28.08 -16.09
C ASN A 453 -11.02 -27.00 -17.12
N ILE A 454 -9.78 -26.96 -17.60
CA ILE A 454 -9.42 -26.03 -18.68
C ILE A 454 -10.01 -26.55 -19.99
N GLN A 455 -10.66 -25.66 -20.73
CA GLN A 455 -11.46 -26.03 -21.90
C GLN A 455 -10.91 -25.38 -23.16
N ASP A 456 -11.69 -25.47 -24.24
CA ASP A 456 -11.25 -25.07 -25.58
C ASP A 456 -11.26 -23.55 -25.71
N ILE A 457 -10.16 -22.93 -25.28
CA ILE A 457 -9.95 -21.52 -25.59
C ILE A 457 -9.75 -21.38 -27.09
N SER A 458 -10.30 -20.31 -27.66
CA SER A 458 -10.16 -19.99 -29.08
C SER A 458 -9.22 -18.80 -29.20
N TRP A 459 -8.04 -19.04 -29.77
CA TRP A 459 -6.97 -18.06 -29.76
C TRP A 459 -7.03 -17.16 -31.00
N HIS A 460 -6.17 -16.15 -30.99
CA HIS A 460 -6.00 -15.26 -32.13
C HIS A 460 -5.05 -15.82 -33.19
N THR A 461 -4.39 -16.93 -32.91
CA THR A 461 -3.31 -17.39 -33.77
C THR A 461 -3.83 -17.96 -35.08
N ILE A 462 -2.92 -18.11 -36.04
CA ILE A 462 -3.30 -18.38 -37.42
C ILE A 462 -3.97 -19.74 -37.59
N ASN A 463 -3.61 -20.73 -36.76
CA ASN A 463 -4.21 -22.06 -36.85
C ASN A 463 -4.75 -22.51 -35.48
N ASN A 464 -5.12 -21.55 -34.64
CA ASN A 464 -5.62 -21.79 -33.30
C ASN A 464 -4.59 -22.47 -32.40
N THR A 465 -3.34 -22.54 -32.83
CA THR A 465 -2.29 -23.10 -31.99
C THR A 465 -2.01 -22.17 -30.82
N ILE A 466 -1.70 -22.75 -29.67
CA ILE A 466 -1.50 -22.00 -28.44
C ILE A 466 -0.48 -20.91 -28.68
N PRO A 467 -0.78 -19.65 -28.39
CA PRO A 467 0.23 -18.61 -28.53
C PRO A 467 1.37 -18.84 -27.53
N MET A 468 2.57 -18.39 -27.91
CA MET A 468 3.78 -18.76 -27.19
C MET A 468 4.55 -17.52 -26.80
N SER A 469 5.07 -17.51 -25.57
CA SER A 469 6.08 -16.54 -25.14
C SER A 469 7.11 -17.27 -24.30
N MET A 470 8.38 -17.09 -24.65
CA MET A 470 9.49 -17.60 -23.88
C MET A 470 10.68 -16.69 -24.09
N CYS A 471 11.55 -16.58 -23.07
CA CYS A 471 12.71 -15.72 -23.21
C CYS A 471 13.64 -16.21 -24.30
N SER A 472 13.98 -17.49 -24.28
CA SER A 472 14.79 -18.10 -25.32
C SER A 472 14.44 -19.58 -25.41
N LYS A 473 14.60 -20.14 -26.61
CA LYS A 473 14.07 -21.47 -26.89
C LYS A 473 14.99 -22.56 -26.35
N ARG A 474 14.38 -23.68 -25.97
CA ARG A 474 15.10 -24.78 -25.34
C ARG A 474 16.25 -25.28 -26.21
N CYS A 475 17.38 -25.57 -25.57
CA CYS A 475 18.62 -25.85 -26.27
C CYS A 475 18.63 -27.25 -26.90
N GLN A 476 19.54 -27.43 -27.85
CA GLN A 476 19.77 -28.74 -28.44
C GLN A 476 20.40 -29.69 -27.41
N SER A 477 20.24 -30.99 -27.67
CA SER A 477 20.92 -31.99 -26.85
C SER A 477 22.43 -31.89 -27.02
N GLY A 478 23.15 -32.14 -25.94
CA GLY A 478 24.60 -32.00 -25.98
C GLY A 478 25.08 -30.57 -26.06
N GLN A 479 24.23 -29.61 -25.73
CA GLN A 479 24.54 -28.19 -25.87
C GLN A 479 24.19 -27.50 -24.56
N LYS A 480 25.22 -27.08 -23.82
CA LYS A 480 25.04 -26.56 -22.47
C LYS A 480 24.41 -25.16 -22.50
N LYS A 481 23.75 -24.83 -21.40
CA LYS A 481 23.22 -23.48 -21.21
C LYS A 481 24.31 -22.55 -20.68
N LYS A 482 24.16 -21.26 -20.99
CA LYS A 482 24.90 -20.20 -20.32
C LYS A 482 23.94 -19.04 -20.09
N PRO A 483 23.71 -18.62 -18.83
CA PRO A 483 22.71 -17.58 -18.59
C PRO A 483 23.13 -16.24 -19.20
N VAL A 484 22.12 -15.49 -19.65
CA VAL A 484 22.37 -14.20 -20.30
C VAL A 484 22.14 -13.01 -19.37
N GLY A 485 21.41 -13.19 -18.28
CA GLY A 485 21.14 -12.09 -17.39
C GLY A 485 20.58 -12.56 -16.06
N ILE A 486 19.93 -11.62 -15.36
CA ILE A 486 19.31 -11.95 -14.07
C ILE A 486 18.26 -13.04 -14.26
N HIS A 487 17.50 -12.98 -15.34
CA HIS A 487 16.36 -13.86 -15.54
C HIS A 487 16.85 -15.27 -15.83
N VAL A 488 16.48 -16.21 -14.96
CA VAL A 488 16.89 -17.60 -15.11
C VAL A 488 16.44 -18.18 -16.45
N CYS A 489 15.33 -17.68 -16.98
CA CYS A 489 14.75 -18.27 -18.19
C CYS A 489 15.58 -18.02 -19.44
N CYS A 490 16.53 -17.09 -19.39
CA CYS A 490 17.23 -16.61 -20.59
C CYS A 490 18.62 -17.21 -20.63
N PHE A 491 18.96 -17.87 -21.75
CA PHE A 491 20.23 -18.56 -21.86
C PHE A 491 20.66 -18.63 -23.32
N GLU A 492 21.97 -18.58 -23.53
CA GLU A 492 22.58 -19.02 -24.79
C GLU A 492 22.85 -20.52 -24.72
N CYS A 493 22.91 -21.14 -25.90
CA CYS A 493 23.26 -22.55 -26.02
C CYS A 493 24.65 -22.66 -26.64
N ILE A 494 25.56 -23.31 -25.93
CA ILE A 494 26.96 -23.43 -26.34
C ILE A 494 27.33 -24.90 -26.47
N ASP A 495 27.93 -25.25 -27.59
CA ASP A 495 28.33 -26.63 -27.84
C ASP A 495 29.47 -27.03 -26.93
N CYS A 496 29.37 -28.24 -26.36
CA CYS A 496 30.51 -28.81 -25.64
C CYS A 496 31.61 -29.18 -26.62
N LEU A 497 32.84 -28.77 -26.31
CA LEU A 497 33.95 -29.07 -27.19
C LEU A 497 34.28 -30.56 -27.14
N PRO A 498 34.91 -31.09 -28.18
CA PRO A 498 35.25 -32.52 -28.20
C PRO A 498 36.02 -32.94 -26.96
N GLY A 499 35.81 -34.19 -26.55
CA GLY A 499 36.39 -34.71 -25.33
C GLY A 499 35.59 -34.38 -24.09
N THR A 500 34.50 -33.63 -24.22
CA THR A 500 33.60 -33.34 -23.11
C THR A 500 32.18 -33.64 -23.56
N PHE A 501 31.30 -33.90 -22.60
CA PHE A 501 29.92 -34.24 -22.91
C PHE A 501 29.01 -33.67 -21.85
N LEU A 502 27.78 -33.39 -22.24
CA LEU A 502 26.77 -32.83 -21.35
C LEU A 502 25.97 -33.96 -20.73
N ASN A 503 26.23 -34.27 -19.47
CA ASN A 503 25.41 -35.23 -18.72
C ASN A 503 24.12 -34.52 -18.35
N HIS A 504 23.16 -34.55 -19.28
CA HIS A 504 21.92 -33.79 -19.11
C HIS A 504 21.26 -34.11 -17.78
N THR A 505 21.48 -35.31 -17.26
CA THR A 505 20.78 -35.76 -16.07
C THR A 505 21.38 -35.22 -14.78
N GLU A 506 22.61 -34.70 -14.82
CA GLU A 506 23.30 -34.26 -13.61
C GLU A 506 23.73 -32.80 -13.62
N ASP A 507 23.80 -32.16 -14.77
CA ASP A 507 24.16 -30.75 -14.83
C ASP A 507 23.62 -30.16 -16.13
N GLU A 508 23.59 -28.83 -16.17
CA GLU A 508 23.11 -28.10 -17.33
C GLU A 508 24.06 -27.01 -17.83
N TYR A 509 25.01 -26.57 -17.02
CA TYR A 509 25.82 -25.41 -17.33
C TYR A 509 27.30 -25.72 -17.53
N GLU A 510 27.70 -26.99 -17.51
CA GLU A 510 29.07 -27.36 -17.82
C GLU A 510 29.09 -28.79 -18.38
N CYS A 511 30.18 -29.13 -19.05
CA CYS A 511 30.34 -30.41 -19.72
C CYS A 511 31.31 -31.29 -18.94
N GLN A 512 30.91 -32.53 -18.69
CA GLN A 512 31.83 -33.50 -18.11
C GLN A 512 32.91 -33.87 -19.11
N ALA A 513 34.12 -34.09 -18.61
CA ALA A 513 35.19 -34.62 -19.44
C ALA A 513 35.04 -36.13 -19.60
N CYS A 514 35.27 -36.61 -20.81
CA CYS A 514 35.18 -38.05 -21.06
C CYS A 514 36.26 -38.78 -20.27
N PRO A 515 35.98 -39.98 -19.77
CA PRO A 515 37.05 -40.80 -19.21
C PRO A 515 38.15 -41.01 -20.24
N ASN A 516 39.38 -41.16 -19.75
CA ASN A 516 40.55 -41.10 -20.62
C ASN A 516 40.54 -42.15 -21.72
N ASN A 517 39.76 -43.22 -21.56
CA ASN A 517 39.65 -44.24 -22.60
C ASN A 517 38.66 -43.88 -23.69
N GLU A 518 37.97 -42.74 -23.59
CA GLU A 518 36.87 -42.42 -24.50
C GLU A 518 36.96 -40.97 -24.93
N TRP A 519 36.22 -40.65 -26.00
CA TRP A 519 36.22 -39.34 -26.61
C TRP A 519 34.80 -39.01 -27.06
N SER A 520 34.59 -37.77 -27.52
CA SER A 520 33.25 -37.28 -27.81
C SER A 520 33.25 -36.44 -29.08
N TYR A 521 32.13 -36.51 -29.83
CA TYR A 521 31.95 -35.72 -31.05
C TYR A 521 31.33 -34.35 -30.75
N GLN A 522 32.10 -33.51 -30.05
CA GLN A 522 31.71 -32.14 -29.72
C GLN A 522 30.40 -32.20 -28.94
N SER A 523 29.31 -31.63 -29.43
CA SER A 523 28.05 -31.53 -28.67
C SER A 523 27.34 -32.87 -28.69
N GLU A 524 27.58 -33.66 -27.66
CA GLU A 524 26.96 -34.97 -27.52
C GLU A 524 26.94 -35.35 -26.05
N THR A 525 25.96 -36.17 -25.69
CA THR A 525 25.72 -36.54 -24.29
C THR A 525 26.60 -37.70 -23.83
N SER A 526 27.49 -38.22 -24.67
CA SER A 526 28.16 -39.49 -24.39
C SER A 526 29.49 -39.53 -25.11
N CYS A 527 30.31 -40.50 -24.69
CA CYS A 527 31.66 -40.70 -25.20
C CYS A 527 31.76 -42.07 -25.86
N PHE A 528 32.76 -42.23 -26.72
CA PHE A 528 32.96 -43.48 -27.45
C PHE A 528 34.38 -43.99 -27.26
N LYS A 529 34.52 -45.31 -27.23
CA LYS A 529 35.83 -45.95 -27.11
C LYS A 529 36.63 -45.74 -28.40
N ARG A 530 37.89 -45.35 -28.25
CA ARG A 530 38.72 -45.02 -29.41
C ARG A 530 40.18 -45.34 -29.12
N GLN A 531 40.93 -45.60 -30.19
CA GLN A 531 42.36 -45.81 -30.10
C GLN A 531 43.08 -44.46 -30.01
N LEU B 1 3.31 10.14 42.60
CA LEU B 1 3.64 11.31 41.76
C LEU B 1 2.37 11.97 41.21
N CYS B 2 2.48 13.26 40.90
CA CYS B 2 1.39 14.02 40.30
C CYS B 2 1.40 14.01 38.79
N LEU B 3 2.30 13.21 38.18
CA LEU B 3 2.59 13.35 36.75
C LEU B 3 1.34 13.16 35.89
N SER B 4 0.52 12.15 36.19
CA SER B 4 -0.63 11.87 35.35
C SER B 4 -1.64 13.01 35.35
N GLN B 5 -1.63 13.87 36.36
CA GLN B 5 -2.52 15.02 36.42
C GLN B 5 -1.92 16.29 35.82
N GLN B 6 -0.59 16.32 35.65
CA GLN B 6 0.08 17.52 35.15
C GLN B 6 -0.15 17.74 33.65
N PHE B 7 -0.78 16.80 32.96
CA PHE B 7 -0.92 16.87 31.52
C PHE B 7 -2.16 17.63 31.07
N LYS B 8 -2.71 18.50 31.93
CA LYS B 8 -3.95 19.18 31.59
C LYS B 8 -3.89 20.63 32.06
N ALA B 9 -4.56 21.50 31.32
CA ALA B 9 -4.63 22.92 31.66
C ALA B 9 -5.88 23.51 31.04
N GLN B 10 -6.42 24.53 31.70
CA GLN B 10 -7.59 25.25 31.22
C GLN B 10 -7.18 26.46 30.39
N GLY B 11 -8.09 26.93 29.55
CA GLY B 11 -7.82 28.12 28.76
C GLY B 11 -9.03 28.50 27.94
N ASP B 12 -8.91 29.66 27.27
CA ASP B 12 -9.96 30.13 26.39
C ASP B 12 -10.06 29.28 25.12
N TYR B 13 -8.95 28.71 24.66
CA TYR B 13 -8.94 27.71 23.61
C TYR B 13 -8.06 26.55 24.06
N ILE B 14 -8.36 25.36 23.54
CA ILE B 14 -7.75 24.13 24.04
C ILE B 14 -7.19 23.33 22.88
N LEU B 15 -5.99 22.78 23.08
CA LEU B 15 -5.34 21.91 22.11
C LEU B 15 -5.43 20.46 22.59
N GLY B 16 -5.81 19.56 21.68
CA GLY B 16 -5.69 18.15 21.97
C GLY B 16 -4.32 17.61 21.58
N GLY B 17 -4.00 16.44 22.10
CA GLY B 17 -2.74 15.81 21.78
C GLY B 17 -2.77 14.30 21.88
N LEU B 18 -2.13 13.64 20.91
CA LEU B 18 -1.98 12.19 20.91
C LEU B 18 -0.50 11.87 20.97
N PHE B 19 -0.08 11.21 22.05
CA PHE B 19 1.32 10.91 22.27
C PHE B 19 1.51 9.46 22.67
N PRO B 20 2.68 8.89 22.39
CA PRO B 20 2.98 7.50 22.80
C PRO B 20 3.34 7.41 24.28
N LEU B 21 2.40 7.83 25.13
CA LEU B 21 2.64 7.90 26.57
C LEU B 21 2.54 6.55 27.27
N GLY B 22 2.08 5.51 26.58
CA GLY B 22 1.92 4.22 27.24
C GLY B 22 1.85 3.10 26.24
N SER B 23 1.67 1.89 26.77
CA SER B 23 1.57 0.69 25.94
C SER B 23 0.93 -0.41 26.78
N THR B 24 0.59 -1.50 26.11
CA THR B 24 0.03 -2.68 26.74
C THR B 24 0.85 -3.90 26.33
N GLU B 25 0.96 -4.86 27.25
CA GLU B 25 1.79 -6.03 26.98
C GLU B 25 1.06 -7.03 26.08
N GLU B 26 1.82 -8.04 25.63
CA GLU B 26 1.39 -8.87 24.52
C GLU B 26 0.08 -9.60 24.81
N ALA B 27 -0.15 -10.01 26.05
CA ALA B 27 -1.37 -10.78 26.35
C ALA B 27 -2.63 -10.02 25.97
N THR B 28 -2.57 -8.69 25.94
CA THR B 28 -3.74 -7.87 25.60
C THR B 28 -4.04 -7.85 24.11
N LEU B 29 -3.08 -8.23 23.27
CA LEU B 29 -3.21 -8.09 21.83
C LEU B 29 -4.11 -9.15 21.19
N ASN B 30 -4.62 -10.09 21.97
CA ASN B 30 -5.47 -11.12 21.39
C ASN B 30 -6.73 -10.53 20.78
N GLN B 31 -7.22 -11.19 19.74
CA GLN B 31 -8.46 -10.80 19.07
C GLN B 31 -9.57 -10.58 20.09
N ARG B 32 -10.11 -9.36 20.10
CA ARG B 32 -11.07 -8.98 21.14
C ARG B 32 -12.39 -9.71 20.94
N THR B 33 -12.93 -10.24 22.05
CA THR B 33 -14.20 -10.94 22.05
C THR B 33 -15.37 -10.04 22.42
N GLN B 34 -15.12 -8.94 23.10
CA GLN B 34 -16.16 -8.04 23.59
C GLN B 34 -15.57 -6.63 23.62
N PRO B 35 -16.38 -5.59 23.30
CA PRO B 35 -15.82 -4.23 23.15
C PRO B 35 -15.43 -3.57 24.48
N ASN B 36 -14.62 -4.27 25.27
CA ASN B 36 -14.09 -3.69 26.50
C ASN B 36 -12.98 -2.70 26.17
N SER B 37 -12.62 -1.88 27.16
CA SER B 37 -11.50 -0.97 27.01
C SER B 37 -10.18 -1.73 27.13
N ILE B 38 -9.09 -1.05 26.79
CA ILE B 38 -7.77 -1.66 26.66
C ILE B 38 -6.95 -1.31 27.90
N PRO B 39 -6.42 -2.30 28.64
CA PRO B 39 -5.56 -2.00 29.79
C PRO B 39 -4.14 -1.61 29.42
N CYS B 40 -3.89 -0.33 29.11
CA CYS B 40 -2.55 0.16 28.79
C CYS B 40 -1.75 0.25 30.09
N ASN B 41 -1.08 -0.86 30.41
CA ASN B 41 -0.64 -1.17 31.76
C ASN B 41 0.74 -0.63 32.13
N ARG B 42 1.48 0.01 31.22
CA ARG B 42 2.85 0.39 31.54
C ARG B 42 3.25 1.71 30.90
N PHE B 43 4.28 2.31 31.49
CA PHE B 43 4.79 3.62 31.13
C PHE B 43 5.63 3.56 29.85
N SER B 44 5.85 4.74 29.24
CA SER B 44 6.68 4.89 28.04
C SER B 44 7.61 6.08 28.24
N PRO B 45 8.90 5.94 27.91
CA PRO B 45 9.85 7.03 28.19
C PRO B 45 9.83 8.18 27.20
N LEU B 46 9.65 7.88 25.91
CA LEU B 46 9.73 8.92 24.88
C LEU B 46 8.50 9.82 24.88
N GLY B 47 7.31 9.23 25.05
CA GLY B 47 6.10 10.01 25.09
C GLY B 47 6.11 11.05 26.19
N LEU B 48 6.76 10.74 27.32
CA LEU B 48 6.86 11.72 28.40
C LEU B 48 7.58 12.98 27.93
N PHE B 49 8.69 12.81 27.20
CA PHE B 49 9.43 13.97 26.71
C PHE B 49 8.61 14.73 25.67
N LEU B 50 7.90 14.01 24.80
CA LEU B 50 7.06 14.70 23.81
C LEU B 50 5.98 15.53 24.50
N ALA B 51 5.30 14.96 25.50
CA ALA B 51 4.29 15.71 26.24
C ALA B 51 4.89 16.91 26.96
N MET B 52 6.07 16.73 27.55
CA MET B 52 6.71 17.85 28.24
C MET B 52 7.10 18.95 27.27
N ALA B 53 7.51 18.59 26.05
CA ALA B 53 7.79 19.61 25.04
C ALA B 53 6.54 20.40 24.67
N MET B 54 5.41 19.71 24.50
CA MET B 54 4.17 20.43 24.23
C MET B 54 3.83 21.38 25.38
N LYS B 55 3.95 20.89 26.62
CA LYS B 55 3.70 21.73 27.78
C LYS B 55 4.62 22.95 27.79
N MET B 56 5.90 22.76 27.44
CA MET B 56 6.85 23.85 27.43
C MET B 56 6.45 24.91 26.42
N ALA B 57 6.10 24.48 25.21
CA ALA B 57 5.68 25.43 24.18
C ALA B 57 4.46 26.23 24.64
N VAL B 58 3.45 25.53 25.18
CA VAL B 58 2.24 26.22 25.62
C VAL B 58 2.55 27.17 26.77
N GLU B 59 3.42 26.76 27.69
CA GLU B 59 3.77 27.63 28.81
C GLU B 59 4.44 28.91 28.32
N GLU B 60 5.37 28.79 27.38
CA GLU B 60 5.99 29.98 26.83
C GLU B 60 4.98 30.87 26.13
N ILE B 61 4.06 30.26 25.36
CA ILE B 61 3.07 31.06 24.64
C ILE B 61 2.15 31.79 25.62
N ASN B 62 1.83 31.16 26.75
CA ASN B 62 0.99 31.81 27.75
C ASN B 62 1.75 32.92 28.47
N ASN B 63 3.05 32.71 28.73
CA ASN B 63 3.82 33.70 29.47
C ASN B 63 4.09 34.94 28.62
N GLY B 64 4.44 34.76 27.35
CA GLY B 64 4.82 35.86 26.50
C GLY B 64 3.64 36.60 25.91
N SER B 65 3.96 37.61 25.10
CA SER B 65 2.96 38.39 24.39
C SER B 65 3.18 38.39 22.89
N ALA B 66 4.15 37.61 22.39
CA ALA B 66 4.39 37.53 20.95
C ALA B 66 3.24 36.84 20.22
N LEU B 67 2.41 36.08 20.94
CA LEU B 67 1.23 35.45 20.36
C LEU B 67 0.06 35.56 21.32
N LEU B 68 -1.14 35.59 20.76
CA LEU B 68 -2.40 35.50 21.50
C LEU B 68 -2.39 36.42 22.74
N PRO B 69 -2.16 37.71 22.56
CA PRO B 69 -2.19 38.61 23.72
C PRO B 69 -3.56 38.65 24.37
N GLY B 70 -3.58 38.51 25.69
CA GLY B 70 -4.79 38.70 26.47
C GLY B 70 -5.71 37.50 26.58
N LEU B 71 -5.30 36.32 26.12
CA LEU B 71 -6.12 35.13 26.28
C LEU B 71 -5.21 33.93 26.54
N ARG B 72 -5.81 32.91 27.15
CA ARG B 72 -5.08 31.76 27.70
C ARG B 72 -5.32 30.53 26.85
N LEU B 73 -4.26 29.77 26.60
CA LEU B 73 -4.33 28.55 25.79
C LEU B 73 -4.14 27.34 26.69
N GLY B 74 -5.09 26.39 26.63
CA GLY B 74 -5.05 25.17 27.40
C GLY B 74 -4.82 23.95 26.53
N TYR B 75 -4.81 22.79 27.19
CA TYR B 75 -4.54 21.54 26.48
C TYR B 75 -5.11 20.35 27.25
N ASP B 76 -5.48 19.33 26.50
CA ASP B 76 -5.77 17.99 27.02
C ASP B 76 -4.92 16.99 26.26
N LEU B 77 -4.19 16.14 26.97
CA LEU B 77 -3.33 15.15 26.35
C LEU B 77 -3.90 13.75 26.53
N PHE B 78 -3.77 12.93 25.48
CA PHE B 78 -4.17 11.54 25.52
C PHE B 78 -3.04 10.66 25.01
N ASP B 79 -3.00 9.44 25.50
CA ASP B 79 -2.06 8.45 25.00
C ASP B 79 -2.67 7.67 23.84
N THR B 80 -1.87 7.47 22.79
CA THR B 80 -2.29 6.58 21.72
C THR B 80 -2.22 5.12 22.16
N CYS B 81 -1.29 4.79 23.05
CA CYS B 81 -1.05 3.43 23.48
C CYS B 81 -0.66 2.53 22.32
N SER B 82 -0.24 3.12 21.20
CA SER B 82 0.13 2.39 19.98
C SER B 82 -0.99 1.48 19.49
N GLU B 83 -2.22 1.69 19.97
CA GLU B 83 -3.34 0.81 19.69
C GLU B 83 -4.43 1.57 18.93
N PRO B 84 -4.80 1.14 17.72
CA PRO B 84 -5.86 1.85 16.99
C PRO B 84 -7.17 2.03 17.75
N VAL B 85 -7.58 1.06 18.56
CA VAL B 85 -8.84 1.20 19.29
C VAL B 85 -8.74 2.33 20.33
N VAL B 86 -7.65 2.35 21.11
CA VAL B 86 -7.46 3.42 22.08
C VAL B 86 -7.28 4.75 21.36
N THR B 87 -6.50 4.76 20.29
CA THR B 87 -6.33 5.98 19.51
C THR B 87 -7.66 6.52 19.04
N MET B 88 -8.55 5.62 18.58
CA MET B 88 -9.83 6.05 18.04
C MET B 88 -10.77 6.53 19.13
N LYS B 89 -10.78 5.87 20.30
CA LYS B 89 -11.58 6.39 21.40
C LYS B 89 -11.13 7.79 21.78
N SER B 90 -9.81 7.99 21.92
CA SER B 90 -9.30 9.31 22.29
C SER B 90 -9.63 10.33 21.20
N SER B 91 -9.46 9.95 19.93
CA SER B 91 -9.79 10.84 18.83
C SER B 91 -11.26 11.22 18.84
N LEU B 92 -12.15 10.25 19.01
CA LEU B 92 -13.58 10.52 19.08
C LEU B 92 -13.89 11.52 20.18
N MET B 93 -13.21 11.41 21.32
CA MET B 93 -13.52 12.33 22.41
C MET B 93 -13.32 13.78 21.99
N PHE B 94 -12.33 14.05 21.13
CA PHE B 94 -12.04 15.43 20.76
C PHE B 94 -13.20 16.08 20.02
N LEU B 95 -13.95 15.32 19.23
CA LEU B 95 -15.04 15.86 18.43
C LEU B 95 -16.35 15.99 19.19
N ALA B 96 -16.40 15.52 20.43
CA ALA B 96 -17.64 15.57 21.20
C ALA B 96 -18.07 17.02 21.42
N LYS B 97 -19.38 17.22 21.57
CA LYS B 97 -19.92 18.55 21.79
C LYS B 97 -19.27 19.19 23.01
N VAL B 98 -19.25 20.53 23.02
CA VAL B 98 -18.59 21.28 24.07
C VAL B 98 -19.07 20.81 25.42
N GLY B 99 -18.13 20.38 26.27
CA GLY B 99 -18.43 20.03 27.64
C GLY B 99 -19.44 18.90 27.77
N SER B 100 -19.57 18.10 26.72
CA SER B 100 -20.59 17.06 26.65
C SER B 100 -19.94 15.72 26.28
N GLN B 101 -20.70 14.65 26.54
CA GLN B 101 -20.19 13.29 26.47
C GLN B 101 -20.50 12.57 25.17
N SER B 102 -21.09 13.24 24.17
CA SER B 102 -21.58 12.54 22.99
C SER B 102 -21.29 13.35 21.74
N ILE B 103 -21.33 12.65 20.60
CA ILE B 103 -21.06 13.23 19.29
C ILE B 103 -22.30 13.01 18.42
N ALA B 104 -22.70 14.06 17.69
CA ALA B 104 -23.90 14.02 16.89
C ALA B 104 -23.59 13.63 15.45
N ALA B 105 -24.51 12.88 14.85
CA ALA B 105 -24.40 12.46 13.46
C ALA B 105 -25.12 13.44 12.55
N TYR B 106 -24.41 13.99 11.57
CA TYR B 106 -24.96 14.96 10.64
C TYR B 106 -24.49 14.63 9.23
N CYS B 107 -25.14 15.26 8.25
CA CYS B 107 -24.76 15.07 6.85
C CYS B 107 -23.42 15.73 6.54
N ASN B 108 -23.20 16.95 7.05
CA ASN B 108 -21.90 17.60 6.91
C ASN B 108 -21.64 18.43 8.15
N TYR B 109 -20.35 18.67 8.42
CA TYR B 109 -19.92 19.22 9.70
C TYR B 109 -19.31 20.61 9.60
N THR B 110 -19.63 21.39 8.57
CA THR B 110 -19.36 22.82 8.64
C THR B 110 -20.53 23.51 9.34
N GLN B 111 -21.01 22.91 10.43
CA GLN B 111 -22.09 23.51 11.22
C GLN B 111 -22.00 23.17 12.70
N TYR B 112 -20.84 22.77 13.23
CA TYR B 112 -20.78 21.92 14.41
C TYR B 112 -19.81 22.50 15.45
N GLN B 113 -19.90 21.96 16.66
CA GLN B 113 -19.28 22.56 17.85
C GLN B 113 -18.41 21.54 18.60
N PRO B 114 -17.25 21.19 18.04
CA PRO B 114 -16.32 20.30 18.77
C PRO B 114 -15.64 21.00 19.93
N ARG B 115 -15.01 20.19 20.79
CA ARG B 115 -14.51 20.66 22.08
C ARG B 115 -13.05 21.09 22.08
N VAL B 116 -12.27 20.80 21.02
CA VAL B 116 -10.89 21.24 20.95
C VAL B 116 -10.65 21.98 19.64
N LEU B 117 -9.61 22.83 19.66
CA LEU B 117 -9.30 23.67 18.50
C LEU B 117 -8.46 22.92 17.47
N ALA B 118 -7.46 22.15 17.91
CA ALA B 118 -6.62 21.40 16.99
C ALA B 118 -5.97 20.26 17.75
N VAL B 119 -5.47 19.29 17.00
CA VAL B 119 -4.90 18.06 17.55
C VAL B 119 -3.43 17.99 17.14
N ILE B 120 -2.55 17.87 18.13
CA ILE B 120 -1.15 17.57 17.86
C ILE B 120 -1.04 16.07 17.61
N GLY B 121 -0.53 15.70 16.44
CA GLY B 121 -0.81 14.42 15.84
C GLY B 121 -0.09 13.28 16.52
N PRO B 122 -0.47 12.06 16.13
CA PRO B 122 0.16 10.87 16.70
C PRO B 122 1.56 10.65 16.15
N HIS B 123 2.29 9.75 16.82
CA HIS B 123 3.68 9.49 16.47
C HIS B 123 3.79 8.61 15.23
N SER B 124 3.17 7.43 15.26
CA SER B 124 3.36 6.45 14.19
C SER B 124 2.53 6.82 12.96
N SER B 125 3.08 6.54 11.78
CA SER B 125 2.45 6.96 10.54
C SER B 125 1.15 6.19 10.25
N GLU B 126 1.07 4.92 10.63
CA GLU B 126 -0.17 4.18 10.41
C GLU B 126 -1.31 4.74 11.23
N LEU B 127 -1.03 5.13 12.48
CA LEU B 127 -2.05 5.81 13.27
C LEU B 127 -2.33 7.18 12.69
N ALA B 128 -1.35 7.79 12.04
CA ALA B 128 -1.59 9.06 11.38
C ALA B 128 -2.59 8.90 10.24
N LEU B 129 -2.45 7.84 9.44
CA LEU B 129 -3.45 7.56 8.41
C LEU B 129 -4.82 7.34 9.04
N ILE B 130 -4.88 6.44 10.04
CA ILE B 130 -6.15 6.04 10.64
C ILE B 130 -6.88 7.26 11.19
N THR B 131 -6.15 8.12 11.90
CA THR B 131 -6.78 9.27 12.55
C THR B 131 -6.99 10.43 11.58
N GLY B 132 -6.14 10.59 10.57
CA GLY B 132 -6.34 11.66 9.62
C GLY B 132 -7.58 11.49 8.78
N LYS B 133 -7.83 10.26 8.30
CA LYS B 133 -9.03 10.07 7.49
C LYS B 133 -10.28 10.42 8.28
N PHE B 134 -10.24 10.22 9.60
CA PHE B 134 -11.38 10.57 10.44
C PHE B 134 -11.43 12.07 10.70
N PHE B 135 -10.32 12.65 11.18
CA PHE B 135 -10.31 14.06 11.55
C PHE B 135 -10.66 14.96 10.37
N SER B 136 -10.08 14.69 9.20
CA SER B 136 -10.25 15.61 8.09
C SER B 136 -11.69 15.66 7.59
N PHE B 137 -12.50 14.63 7.84
CA PHE B 137 -13.91 14.70 7.52
C PHE B 137 -14.59 15.79 8.35
N PHE B 138 -14.18 15.94 9.60
CA PHE B 138 -14.63 17.06 10.43
C PHE B 138 -13.85 18.34 10.14
N LEU B 139 -12.88 18.28 9.24
CA LEU B 139 -12.07 19.45 8.88
C LEU B 139 -11.39 20.07 10.09
N MET B 140 -11.08 19.23 11.08
CA MET B 140 -10.29 19.68 12.21
C MET B 140 -8.81 19.63 11.85
N PRO B 141 -8.07 20.73 11.99
CA PRO B 141 -6.64 20.71 11.62
C PRO B 141 -5.84 19.87 12.60
N GLN B 142 -5.02 18.97 12.06
CA GLN B 142 -4.21 18.03 12.84
C GLN B 142 -2.76 18.17 12.44
N VAL B 143 -1.92 18.62 13.37
CA VAL B 143 -0.51 18.89 13.11
C VAL B 143 0.31 17.78 13.75
N SER B 144 1.09 17.07 12.94
CA SER B 144 1.80 15.87 13.35
C SER B 144 3.32 16.08 13.26
N TYR B 145 4.00 15.86 14.36
CA TYR B 145 5.41 15.47 14.31
C TYR B 145 5.51 14.07 13.71
N SER B 146 6.72 13.68 13.35
CA SER B 146 6.93 12.35 12.78
C SER B 146 5.98 12.18 11.58
N ALA B 147 5.57 10.95 11.31
CA ALA B 147 4.58 10.66 10.27
C ALA B 147 5.02 11.24 8.92
N SER B 148 6.04 10.60 8.35
CA SER B 148 6.72 11.11 7.15
C SER B 148 6.19 10.53 5.84
N MET B 149 5.21 9.63 5.88
CA MET B 149 4.77 8.97 4.64
C MET B 149 4.23 9.98 3.64
N ASP B 150 4.49 9.71 2.35
CA ASP B 150 3.94 10.54 1.28
C ASP B 150 2.43 10.37 1.14
N ARG B 151 1.88 9.25 1.63
CA ARG B 151 0.43 9.01 1.50
C ARG B 151 -0.38 10.18 2.03
N LEU B 152 0.04 10.76 3.15
CA LEU B 152 -0.70 11.82 3.80
C LEU B 152 -0.58 13.16 3.09
N SER B 153 0.20 13.23 2.01
CA SER B 153 0.34 14.49 1.27
C SER B 153 -0.94 14.85 0.53
N ASP B 154 -1.58 13.88 -0.10
CA ASP B 154 -2.68 14.16 -1.02
C ASP B 154 -3.84 14.82 -0.28
N ARG B 155 -4.32 15.95 -0.80
CA ARG B 155 -5.29 16.78 -0.10
C ARG B 155 -6.72 16.27 -0.24
N GLU B 156 -7.00 15.40 -1.21
CA GLU B 156 -8.39 14.99 -1.44
C GLU B 156 -8.88 14.05 -0.35
N THR B 157 -8.00 13.21 0.18
CA THR B 157 -8.35 12.32 1.28
C THR B 157 -7.98 12.88 2.64
N PHE B 158 -6.94 13.71 2.71
CA PHE B 158 -6.48 14.32 3.96
C PHE B 158 -6.45 15.83 3.81
N PRO B 159 -7.62 16.48 3.71
CA PRO B 159 -7.65 17.93 3.50
C PRO B 159 -7.14 18.76 4.67
N SER B 160 -7.00 18.19 5.88
CA SER B 160 -6.66 18.97 7.05
C SER B 160 -5.41 18.50 7.78
N PHE B 161 -4.68 17.52 7.24
CA PHE B 161 -3.48 17.03 7.91
C PHE B 161 -2.28 17.89 7.57
N PHE B 162 -1.55 18.32 8.59
CA PHE B 162 -0.30 19.05 8.45
C PHE B 162 0.76 18.34 9.27
N ARG B 163 2.03 18.58 8.94
CA ARG B 163 3.12 17.99 9.70
C ARG B 163 4.31 18.94 9.71
N THR B 164 5.07 18.92 10.81
CA THR B 164 6.24 19.76 10.98
C THR B 164 7.54 19.01 10.78
N VAL B 165 7.53 17.94 9.99
CA VAL B 165 8.76 17.27 9.59
C VAL B 165 8.70 16.98 8.09
N PRO B 166 9.86 17.00 7.44
CA PRO B 166 9.89 16.70 6.00
C PRO B 166 9.48 15.27 5.73
N SER B 167 8.91 15.05 4.55
CA SER B 167 8.40 13.75 4.15
C SER B 167 9.49 12.90 3.50
N ASP B 168 9.14 11.63 3.24
CA ASP B 168 10.07 10.74 2.56
C ASP B 168 10.42 11.21 1.16
N ARG B 169 9.47 11.88 0.49
CA ARG B 169 9.68 12.23 -0.91
C ARG B 169 10.85 13.18 -1.09
N VAL B 170 10.97 14.18 -0.22
CA VAL B 170 12.06 15.14 -0.36
C VAL B 170 13.40 14.49 -0.04
N GLN B 171 13.42 13.58 0.93
CA GLN B 171 14.65 12.84 1.23
C GLN B 171 15.10 12.05 0.01
N LEU B 172 14.15 11.38 -0.65
CA LEU B 172 14.51 10.60 -1.83
C LEU B 172 14.81 11.49 -3.03
N GLN B 173 14.23 12.69 -3.07
CA GLN B 173 14.67 13.67 -4.05
C GLN B 173 16.15 14.00 -3.86
N ALA B 174 16.57 14.19 -2.61
CA ALA B 174 17.98 14.43 -2.34
C ALA B 174 18.84 13.23 -2.72
N VAL B 175 18.35 12.02 -2.43
CA VAL B 175 19.10 10.81 -2.78
C VAL B 175 19.28 10.71 -4.29
N VAL B 176 18.20 10.90 -5.05
CA VAL B 176 18.29 10.81 -6.50
C VAL B 176 19.16 11.93 -7.06
N THR B 177 19.17 13.09 -6.41
CA THR B 177 20.10 14.14 -6.84
C THR B 177 21.54 13.73 -6.61
N LEU B 178 21.81 13.06 -5.49
CA LEU B 178 23.16 12.55 -5.25
C LEU B 178 23.55 11.55 -6.33
N LEU B 179 22.64 10.65 -6.68
CA LEU B 179 22.92 9.70 -7.75
C LEU B 179 23.18 10.41 -9.08
N GLN B 180 22.37 11.44 -9.38
CA GLN B 180 22.55 12.18 -10.63
C GLN B 180 23.92 12.86 -10.67
N ASN B 181 24.34 13.45 -9.56
CA ASN B 181 25.57 14.26 -9.59
C ASN B 181 26.78 13.41 -9.95
N PHE B 182 26.90 12.22 -9.36
CA PHE B 182 28.04 11.35 -9.60
C PHE B 182 27.84 10.38 -10.76
N SER B 183 26.74 10.51 -11.51
CA SER B 183 26.49 9.67 -12.68
C SER B 183 26.38 8.20 -12.30
N TRP B 184 25.84 7.91 -11.11
CA TRP B 184 25.56 6.54 -10.68
C TRP B 184 24.23 6.10 -11.29
N ASN B 185 24.26 5.87 -12.61
CA ASN B 185 23.05 5.70 -13.40
C ASN B 185 22.43 4.31 -13.27
N TRP B 186 23.19 3.32 -12.82
CA TRP B 186 22.76 1.93 -12.80
C TRP B 186 22.89 1.40 -11.38
N VAL B 187 21.76 1.19 -10.71
CA VAL B 187 21.73 0.97 -9.27
C VAL B 187 20.73 -0.12 -8.92
N ALA B 188 20.89 -0.66 -7.71
CA ALA B 188 19.90 -1.51 -7.08
C ALA B 188 19.18 -0.74 -5.98
N ALA B 189 17.93 -1.09 -5.73
CA ALA B 189 17.10 -0.43 -4.73
C ALA B 189 16.48 -1.48 -3.81
N LEU B 190 16.66 -1.30 -2.51
CA LEU B 190 16.13 -2.21 -1.51
C LEU B 190 15.33 -1.42 -0.48
N GLY B 191 14.41 -2.13 0.20
CA GLY B 191 13.55 -1.50 1.19
C GLY B 191 13.01 -2.52 2.16
N SER B 192 12.69 -2.05 3.36
CA SER B 192 12.17 -2.92 4.40
C SER B 192 10.76 -3.40 4.05
N ASP B 193 10.31 -4.42 4.80
CA ASP B 193 9.05 -5.09 4.49
C ASP B 193 7.83 -4.30 4.95
N ASP B 194 7.99 -3.30 5.81
CA ASP B 194 6.85 -2.54 6.28
C ASP B 194 6.48 -1.45 5.28
N ASP B 195 5.37 -0.75 5.57
CA ASP B 195 4.92 0.34 4.71
C ASP B 195 6.01 1.39 4.52
N TYR B 196 6.87 1.56 5.53
CA TYR B 196 8.01 2.46 5.40
C TYR B 196 8.88 2.06 4.22
N GLY B 197 9.40 0.83 4.22
CA GLY B 197 10.20 0.36 3.10
C GLY B 197 9.39 0.19 1.82
N ARG B 198 8.13 -0.21 1.94
CA ARG B 198 7.29 -0.35 0.76
C ARG B 198 7.23 0.97 0.00
N GLU B 199 6.89 2.05 0.70
CA GLU B 199 6.78 3.35 0.06
C GLU B 199 8.15 3.92 -0.30
N GLY B 200 9.20 3.56 0.44
CA GLY B 200 10.53 3.94 -0.02
C GLY B 200 10.84 3.39 -1.39
N LEU B 201 10.63 2.08 -1.56
CA LEU B 201 10.86 1.45 -2.86
C LEU B 201 9.99 2.10 -3.92
N SER B 202 8.71 2.33 -3.60
CA SER B 202 7.81 2.89 -4.61
C SER B 202 8.22 4.30 -5.01
N ILE B 203 8.51 5.16 -4.04
CA ILE B 203 8.86 6.55 -4.33
C ILE B 203 10.15 6.60 -5.15
N PHE B 204 11.16 5.83 -4.74
CA PHE B 204 12.40 5.82 -5.51
C PHE B 204 12.17 5.27 -6.91
N SER B 205 11.39 4.19 -7.03
CA SER B 205 11.17 3.57 -8.33
C SER B 205 10.37 4.48 -9.26
N SER B 206 9.63 5.45 -8.73
CA SER B 206 8.99 6.45 -9.58
C SER B 206 9.93 7.59 -9.93
N LEU B 207 10.63 8.13 -8.93
CA LEU B 207 11.49 9.29 -9.17
C LEU B 207 12.66 8.94 -10.08
N ALA B 208 13.23 7.75 -9.93
CA ALA B 208 14.37 7.37 -10.76
C ALA B 208 13.96 7.31 -12.23
N ASN B 209 12.81 6.69 -12.52
CA ASN B 209 12.32 6.68 -13.90
C ASN B 209 12.06 8.10 -14.39
N ALA B 210 11.47 8.95 -13.54
CA ALA B 210 11.23 10.33 -13.94
C ALA B 210 12.53 11.08 -14.24
N ARG B 211 13.62 10.70 -13.58
CA ARG B 211 14.90 11.40 -13.70
C ARG B 211 15.93 10.62 -14.52
N GLY B 212 15.54 9.52 -15.16
CA GLY B 212 16.44 8.83 -16.06
C GLY B 212 17.45 7.91 -15.42
N ILE B 213 17.17 7.39 -14.23
CA ILE B 213 18.03 6.40 -13.58
C ILE B 213 17.36 5.04 -13.70
N CYS B 214 18.12 4.04 -14.15
CA CYS B 214 17.61 2.71 -14.42
C CYS B 214 17.91 1.81 -13.22
N ILE B 215 16.87 1.29 -12.60
CA ILE B 215 17.02 0.40 -11.45
C ILE B 215 17.33 -1.01 -11.95
N ALA B 216 18.45 -1.57 -11.50
CA ALA B 216 18.82 -2.92 -11.94
C ALA B 216 17.84 -3.96 -11.42
N HIS B 217 17.49 -3.89 -10.14
CA HIS B 217 16.47 -4.77 -9.59
C HIS B 217 15.89 -4.13 -8.34
N GLU B 218 14.60 -4.39 -8.11
CA GLU B 218 13.94 -3.96 -6.90
C GLU B 218 14.31 -4.91 -5.76
N GLY B 219 13.76 -4.69 -4.57
CA GLY B 219 13.76 -5.73 -3.57
C GLY B 219 13.18 -5.33 -2.23
N LEU B 220 12.24 -6.14 -1.75
CA LEU B 220 11.75 -6.01 -0.40
C LEU B 220 12.50 -6.98 0.50
N VAL B 221 13.08 -6.47 1.59
CA VAL B 221 13.99 -7.28 2.41
C VAL B 221 13.42 -7.49 3.81
N PRO B 222 13.68 -8.63 4.44
CA PRO B 222 13.03 -8.95 5.71
C PRO B 222 13.55 -8.12 6.88
N GLN B 223 12.70 -7.99 7.90
CA GLN B 223 13.08 -7.31 9.12
C GLN B 223 14.19 -8.07 9.86
N HIS B 224 14.06 -9.39 9.98
CA HIS B 224 14.99 -10.19 10.77
C HIS B 224 14.72 -11.66 10.45
N ASP B 225 15.63 -12.52 10.93
CA ASP B 225 15.46 -13.96 10.81
C ASP B 225 14.40 -14.45 11.80
N THR B 226 13.14 -14.09 11.53
CA THR B 226 12.02 -14.52 12.36
C THR B 226 11.45 -15.86 11.93
N SER B 227 11.80 -16.35 10.75
CA SER B 227 11.26 -17.59 10.21
C SER B 227 12.30 -18.22 9.30
N GLY B 228 12.14 -19.52 9.04
CA GLY B 228 13.16 -20.30 8.36
C GLY B 228 13.52 -19.81 6.97
N GLN B 229 12.59 -19.13 6.29
CA GLN B 229 12.88 -18.62 4.95
C GLN B 229 13.82 -17.42 4.97
N GLN B 230 13.70 -16.56 5.97
CA GLN B 230 14.39 -15.28 5.96
C GLN B 230 15.90 -15.42 6.17
N LEU B 231 16.36 -16.57 6.69
CA LEU B 231 17.79 -16.83 6.70
C LEU B 231 18.33 -17.00 5.28
N GLY B 232 17.45 -17.31 4.33
CA GLY B 232 17.87 -17.62 2.97
C GLY B 232 17.75 -16.51 1.94
N LYS B 233 16.57 -15.90 1.83
CA LYS B 233 16.27 -15.02 0.70
C LYS B 233 17.21 -13.81 0.65
N VAL B 234 17.75 -13.40 1.79
CA VAL B 234 18.73 -12.32 1.79
C VAL B 234 19.90 -12.67 0.87
N LEU B 235 20.30 -13.95 0.86
CA LEU B 235 21.41 -14.34 0.01
C LEU B 235 21.02 -14.30 -1.46
N ASP B 236 19.76 -14.59 -1.81
CA ASP B 236 19.35 -14.41 -3.20
C ASP B 236 19.37 -12.94 -3.60
N VAL B 237 18.98 -12.05 -2.68
CA VAL B 237 19.10 -10.62 -2.96
C VAL B 237 20.54 -10.25 -3.26
N LEU B 238 21.46 -10.75 -2.43
CA LEU B 238 22.87 -10.48 -2.67
C LEU B 238 23.38 -11.12 -3.97
N ARG B 239 22.87 -12.30 -4.32
CA ARG B 239 23.24 -12.91 -5.59
C ARG B 239 22.81 -12.03 -6.75
N GLN B 240 21.61 -11.46 -6.68
CA GLN B 240 21.16 -10.55 -7.72
C GLN B 240 22.00 -9.28 -7.74
N VAL B 241 22.41 -8.79 -6.56
CA VAL B 241 23.30 -7.63 -6.52
C VAL B 241 24.59 -7.93 -7.29
N ASN B 242 25.14 -9.13 -7.10
CA ASN B 242 26.39 -9.47 -7.79
C ASN B 242 26.16 -9.73 -9.28
N GLN B 243 25.05 -10.39 -9.63
CA GLN B 243 24.77 -10.71 -11.02
C GLN B 243 24.53 -9.47 -11.87
N SER B 244 23.86 -8.46 -11.31
CA SER B 244 23.62 -7.22 -12.03
C SER B 244 24.88 -6.38 -12.17
N LYS B 245 25.96 -6.73 -11.47
CA LYS B 245 27.21 -5.99 -11.55
C LYS B 245 27.03 -4.53 -11.17
N VAL B 246 26.11 -4.28 -10.23
CA VAL B 246 25.90 -2.94 -9.70
C VAL B 246 27.01 -2.59 -8.70
N GLN B 247 27.29 -1.29 -8.60
CA GLN B 247 28.22 -0.78 -7.60
C GLN B 247 27.55 0.05 -6.50
N VAL B 248 26.37 0.58 -6.75
CA VAL B 248 25.67 1.46 -5.82
C VAL B 248 24.33 0.83 -5.45
N VAL B 249 24.04 0.77 -4.16
CA VAL B 249 22.78 0.21 -3.65
C VAL B 249 22.09 1.28 -2.83
N VAL B 250 20.86 1.60 -3.21
CA VAL B 250 19.96 2.39 -2.37
C VAL B 250 19.19 1.42 -1.47
N LEU B 251 19.01 1.80 -0.21
CA LEU B 251 18.47 0.87 0.78
C LEU B 251 17.68 1.66 1.81
N PHE B 252 16.35 1.64 1.66
CA PHE B 252 15.44 2.44 2.48
C PHE B 252 14.84 1.55 3.56
N ALA B 253 15.56 1.41 4.67
CA ALA B 253 15.19 0.44 5.69
C ALA B 253 15.67 0.89 7.06
N SER B 254 15.15 0.27 8.13
CA SER B 254 15.63 0.57 9.48
C SER B 254 16.95 -0.14 9.71
N ALA B 255 17.68 0.25 10.73
CA ALA B 255 19.03 -0.30 10.96
C ALA B 255 19.10 -1.78 11.25
N ARG B 256 18.12 -2.32 11.96
CA ARG B 256 18.18 -3.72 12.33
C ARG B 256 18.22 -4.57 11.09
N ALA B 257 17.39 -4.23 10.12
CA ALA B 257 17.35 -5.00 8.89
C ALA B 257 18.65 -4.84 8.13
N VAL B 258 19.16 -3.62 8.07
CA VAL B 258 20.39 -3.37 7.34
C VAL B 258 21.52 -4.09 8.05
N TYR B 259 21.43 -4.19 9.36
CA TYR B 259 22.45 -4.86 10.15
C TYR B 259 22.49 -6.32 9.76
N SER B 260 21.31 -6.92 9.59
CA SER B 260 21.24 -8.30 9.18
C SER B 260 21.93 -8.43 7.84
N LEU B 261 21.55 -7.57 6.91
CA LEU B 261 22.13 -7.67 5.57
C LEU B 261 23.61 -7.49 5.65
N PHE B 262 24.06 -6.54 6.46
CA PHE B 262 25.48 -6.25 6.56
C PHE B 262 26.25 -7.45 7.04
N SER B 263 25.73 -8.11 8.07
CA SER B 263 26.41 -9.28 8.61
C SER B 263 26.49 -10.38 7.58
N TYR B 264 25.45 -10.55 6.78
CA TYR B 264 25.48 -11.55 5.71
C TYR B 264 26.54 -11.16 4.70
N SER B 265 26.57 -9.89 4.30
CA SER B 265 27.62 -9.44 3.38
C SER B 265 29.00 -9.75 3.94
N ILE B 266 29.19 -9.58 5.25
CA ILE B 266 30.48 -9.83 5.87
C ILE B 266 30.82 -11.31 5.81
N HIS B 267 29.84 -12.17 6.10
CA HIS B 267 30.10 -13.61 6.12
C HIS B 267 30.76 -14.07 4.82
N HIS B 268 30.29 -13.57 3.69
CA HIS B 268 30.74 -14.04 2.37
C HIS B 268 31.67 -13.06 1.67
N GLY B 269 32.08 -11.99 2.34
CA GLY B 269 33.06 -11.07 1.79
C GLY B 269 32.51 -10.05 0.82
N LEU B 270 31.67 -10.51 -0.12
CA LEU B 270 31.03 -9.65 -1.13
C LEU B 270 32.12 -8.76 -1.75
N SER B 271 31.89 -7.47 -1.91
CA SER B 271 32.90 -6.54 -2.41
C SER B 271 32.49 -5.14 -2.02
N PRO B 272 33.43 -4.18 -2.03
CA PRO B 272 33.14 -2.88 -1.42
C PRO B 272 32.20 -2.01 -2.25
N LYS B 273 30.90 -2.23 -2.10
CA LYS B 273 29.90 -1.42 -2.80
C LYS B 273 29.80 -0.04 -2.16
N VAL B 274 28.89 0.77 -2.71
CA VAL B 274 28.45 2.02 -2.10
C VAL B 274 27.03 1.83 -1.62
N TRP B 275 26.75 2.28 -0.41
CA TRP B 275 25.42 2.16 0.20
C TRP B 275 24.90 3.56 0.49
N VAL B 276 23.69 3.85 0.03
CA VAL B 276 23.11 5.19 0.16
C VAL B 276 21.87 5.12 1.06
N ALA B 277 21.88 4.21 2.02
CA ALA B 277 20.68 3.92 2.81
C ALA B 277 20.30 5.09 3.70
N SER B 278 19.12 4.97 4.31
CA SER B 278 18.43 6.08 4.95
C SER B 278 19.09 6.46 6.28
N GLU B 279 18.63 7.59 6.83
CA GLU B 279 19.17 8.10 8.09
C GLU B 279 18.88 7.15 9.25
N SER B 280 17.74 6.44 9.21
CA SER B 280 17.44 5.48 10.26
C SER B 280 18.55 4.45 10.37
N TRP B 281 19.23 4.17 9.27
CA TRP B 281 20.36 3.26 9.26
C TRP B 281 21.66 3.98 9.58
N LEU B 282 21.84 5.19 9.03
CA LEU B 282 23.05 5.97 9.28
C LEU B 282 23.25 6.27 10.76
N THR B 283 22.17 6.27 11.54
CA THR B 283 22.21 6.75 12.92
C THR B 283 22.51 5.66 13.95
N SER B 284 22.24 4.40 13.64
CA SER B 284 22.06 3.35 14.65
C SER B 284 23.40 2.72 15.03
N ASP B 285 23.68 2.67 16.33
CA ASP B 285 24.98 2.22 16.80
C ASP B 285 25.24 0.75 16.46
N LEU B 286 24.20 -0.08 16.54
CA LEU B 286 24.42 -1.52 16.40
C LEU B 286 25.02 -1.90 15.05
N VAL B 287 24.98 -0.98 14.07
CA VAL B 287 25.52 -1.25 12.75
C VAL B 287 27.03 -1.01 12.74
N MET B 288 27.44 0.23 13.07
CA MET B 288 28.86 0.58 13.03
C MET B 288 29.69 -0.15 14.08
N THR B 289 29.05 -0.79 15.06
CA THR B 289 29.77 -1.59 16.03
C THR B 289 30.14 -2.97 15.50
N LEU B 290 29.66 -3.35 14.32
CA LEU B 290 30.08 -4.61 13.71
C LEU B 290 31.58 -4.53 13.43
N PRO B 291 32.40 -5.39 14.06
CA PRO B 291 33.86 -5.21 13.94
C PRO B 291 34.39 -5.27 12.52
N ASN B 292 33.77 -6.05 11.64
CA ASN B 292 34.27 -6.26 10.29
C ASN B 292 33.73 -5.24 9.29
N ILE B 293 32.98 -4.24 9.76
CA ILE B 293 32.13 -3.45 8.87
C ILE B 293 32.90 -2.64 7.84
N ALA B 294 34.20 -2.40 8.04
CA ALA B 294 34.94 -1.62 7.04
C ALA B 294 34.92 -2.26 5.67
N ARG B 295 34.65 -3.57 5.59
CA ARG B 295 34.54 -4.26 4.31
C ARG B 295 33.32 -3.81 3.50
N VAL B 296 32.37 -3.12 4.13
CA VAL B 296 31.16 -2.67 3.47
C VAL B 296 31.42 -1.67 2.36
N GLY B 297 32.61 -1.07 2.33
CA GLY B 297 33.03 -0.21 1.24
C GLY B 297 32.83 1.27 1.47
N THR B 298 31.59 1.77 1.35
CA THR B 298 31.33 3.19 1.43
C THR B 298 29.90 3.41 1.90
N VAL B 299 29.73 4.40 2.77
CA VAL B 299 28.44 4.69 3.39
C VAL B 299 28.16 6.19 3.25
N LEU B 300 26.98 6.52 2.71
CA LEU B 300 26.54 7.89 2.51
C LEU B 300 25.09 8.02 2.96
N GLY B 301 24.71 9.18 3.46
CA GLY B 301 23.31 9.41 3.79
C GLY B 301 23.04 10.85 4.17
N PHE B 302 21.77 11.23 4.06
CA PHE B 302 21.32 12.57 4.38
C PHE B 302 20.68 12.57 5.76
N LEU B 303 21.14 13.47 6.63
CA LEU B 303 20.65 13.60 8.00
C LEU B 303 19.97 14.95 8.19
N GLN B 304 18.78 14.94 8.79
CA GLN B 304 18.01 16.16 8.97
C GLN B 304 18.73 17.12 9.90
N ARG B 305 18.68 18.41 9.55
CA ARG B 305 19.32 19.48 10.31
C ARG B 305 18.25 20.33 10.98
N GLY B 306 18.46 20.63 12.26
CA GLY B 306 17.46 21.35 13.03
C GLY B 306 18.05 22.07 14.22
N ALA B 307 17.21 22.91 14.83
CA ALA B 307 17.64 23.80 15.91
C ALA B 307 17.69 23.07 17.25
N LEU B 308 18.17 23.79 18.25
CA LEU B 308 18.21 23.33 19.64
C LEU B 308 17.33 24.22 20.51
N LEU B 309 16.67 23.62 21.50
CA LEU B 309 16.07 24.35 22.61
C LEU B 309 16.70 23.81 23.89
N PRO B 310 17.81 24.42 24.34
CA PRO B 310 18.59 23.81 25.44
C PRO B 310 17.88 23.78 26.78
N GLU B 311 16.84 24.59 26.98
CA GLU B 311 16.17 24.63 28.28
C GLU B 311 15.43 23.33 28.59
N PHE B 312 15.25 22.45 27.60
CA PHE B 312 14.26 21.39 27.73
C PHE B 312 14.63 20.38 28.82
N SER B 313 15.89 19.96 28.87
CA SER B 313 16.28 18.94 29.84
C SER B 313 16.08 19.45 31.27
N HIS B 314 16.51 20.69 31.53
CA HIS B 314 16.29 21.27 32.85
C HIS B 314 14.80 21.39 33.15
N TYR B 315 14.00 21.72 32.13
CA TYR B 315 12.54 21.80 32.32
C TYR B 315 11.98 20.43 32.73
N VAL B 316 12.42 19.37 32.05
CA VAL B 316 11.95 18.03 32.38
C VAL B 316 12.31 17.68 33.82
N GLU B 317 13.56 17.94 34.19
CA GLU B 317 13.98 17.65 35.57
C GLU B 317 13.19 18.49 36.57
N THR B 318 12.96 19.76 36.26
CA THR B 318 12.20 20.63 37.15
C THR B 318 10.81 20.07 37.41
N HIS B 319 10.08 19.76 36.34
CA HIS B 319 8.71 19.30 36.54
C HIS B 319 8.63 17.86 37.02
N LEU B 320 9.65 17.04 36.81
CA LEU B 320 9.70 15.75 37.50
C LEU B 320 9.89 15.95 39.00
N ALA B 321 10.76 16.88 39.39
CA ALA B 321 10.91 17.20 40.80
C ALA B 321 9.59 17.66 41.40
N LEU B 322 8.87 18.53 40.67
CA LEU B 322 7.55 18.95 41.12
C LEU B 322 6.58 17.78 41.19
N ALA B 323 6.69 16.85 40.23
CA ALA B 323 5.85 15.66 40.25
C ALA B 323 6.11 14.82 41.50
N ALA B 324 7.34 14.82 42.00
CA ALA B 324 7.68 14.06 43.19
C ALA B 324 7.36 14.78 44.49
N ASP B 325 7.38 16.11 44.49
CA ASP B 325 7.21 16.87 45.73
C ASP B 325 5.78 16.76 46.24
N PRO B 326 5.54 16.26 47.45
CA PRO B 326 4.16 16.21 47.97
C PRO B 326 3.54 17.57 48.17
N ALA B 327 4.34 18.61 48.42
CA ALA B 327 3.76 19.95 48.54
C ALA B 327 3.13 20.39 47.22
N PHE B 328 3.64 19.89 46.10
CA PHE B 328 2.99 20.13 44.81
C PHE B 328 1.78 19.22 44.61
N CYS B 329 1.86 17.97 45.10
CA CYS B 329 0.72 17.06 45.01
C CYS B 329 -0.49 17.61 45.74
N ALA B 330 -0.26 18.33 46.85
CA ALA B 330 -1.36 18.87 47.64
C ALA B 330 -2.08 20.04 46.96
N SER B 331 -1.52 20.58 45.88
CA SER B 331 -2.12 21.71 45.20
C SER B 331 -3.43 21.33 44.52
N GLN B 345 -5.24 10.69 35.13
CA GLN B 345 -6.13 10.02 34.19
C GLN B 345 -5.66 10.23 32.76
N ARG B 346 -4.84 11.25 32.54
CA ARG B 346 -4.29 11.48 31.21
C ARG B 346 -3.32 10.37 30.81
N CYS B 347 -2.67 9.73 31.77
CA CYS B 347 -1.89 8.52 31.52
C CYS B 347 -1.93 7.61 32.75
N PRO B 348 -2.58 6.45 32.67
CA PRO B 348 -2.50 5.50 33.79
C PRO B 348 -1.12 4.85 33.88
N ARG B 349 -0.73 4.54 35.11
CA ARG B 349 0.52 3.82 35.39
C ARG B 349 1.76 4.64 35.06
N CYS B 350 1.59 5.90 34.61
CA CYS B 350 2.73 6.78 34.41
C CYS B 350 3.41 7.16 35.71
N ASP B 351 2.69 7.07 36.84
CA ASP B 351 3.15 7.60 38.11
C ASP B 351 4.06 6.67 38.89
N ASP B 352 4.27 5.44 38.42
CA ASP B 352 4.92 4.41 39.21
C ASP B 352 6.41 4.22 38.90
N ILE B 353 6.96 4.93 37.92
CA ILE B 353 8.35 4.75 37.51
C ILE B 353 9.17 5.93 38.01
N MET B 354 10.37 5.64 38.52
CA MET B 354 11.19 6.63 39.21
C MET B 354 11.79 7.64 38.24
N LEU B 355 12.23 8.77 38.82
CA LEU B 355 12.75 9.88 38.01
C LEU B 355 14.13 9.58 37.44
N GLN B 356 15.03 9.03 38.27
CA GLN B 356 16.46 9.12 37.98
C GLN B 356 16.83 8.33 36.73
N ASN B 357 16.52 7.04 36.71
CA ASN B 357 16.98 6.19 35.61
C ASN B 357 16.38 6.60 34.28
N LEU B 358 15.27 7.32 34.30
CA LEU B 358 14.70 7.86 33.06
C LEU B 358 15.41 9.15 32.66
N SER B 359 15.40 10.15 33.55
CA SER B 359 15.94 11.45 33.21
C SER B 359 17.44 11.37 32.89
N SER B 360 18.23 10.92 33.86
CA SER B 360 19.67 10.85 33.63
C SER B 360 20.02 9.82 32.55
N GLY B 361 19.16 8.82 32.35
CA GLY B 361 19.43 7.81 31.35
C GLY B 361 19.27 8.33 29.92
N LEU B 362 18.14 8.97 29.63
CA LEU B 362 17.84 9.39 28.28
C LEU B 362 18.43 10.75 27.92
N LEU B 363 18.35 11.73 28.83
CA LEU B 363 18.76 13.08 28.52
C LEU B 363 20.24 13.19 28.20
N GLN B 364 21.05 12.24 28.66
CA GLN B 364 22.47 12.19 28.32
C GLN B 364 22.72 11.44 27.01
N ASN B 365 21.67 10.95 26.35
CA ASN B 365 21.84 10.05 25.21
C ASN B 365 21.02 10.46 23.99
N LEU B 366 20.26 11.56 24.06
CA LEU B 366 19.42 11.96 22.93
C LEU B 366 20.26 12.17 21.67
N GLN B 370 18.27 10.73 17.18
CA GLN B 370 17.22 11.31 16.34
C GLN B 370 16.05 11.78 17.19
N LEU B 371 15.93 11.21 18.39
CA LEU B 371 14.83 11.57 19.27
C LEU B 371 14.89 13.02 19.70
N HIS B 372 16.03 13.70 19.52
CA HIS B 372 16.08 15.14 19.76
C HIS B 372 15.21 15.88 18.74
N HIS B 373 15.27 15.48 17.48
CA HIS B 373 14.50 16.19 16.46
C HIS B 373 13.03 16.28 16.85
N GLN B 374 12.44 15.17 17.29
CA GLN B 374 11.03 15.15 17.60
C GLN B 374 10.67 16.12 18.72
N ILE B 375 11.63 16.50 19.56
CA ILE B 375 11.37 17.56 20.53
C ILE B 375 11.07 18.86 19.80
N PHE B 376 12.00 19.30 18.95
CA PHE B 376 11.80 20.56 18.24
C PHE B 376 10.52 20.52 17.44
N ALA B 377 10.31 19.43 16.69
CA ALA B 377 9.07 19.27 15.95
C ALA B 377 7.86 19.46 16.85
N THR B 378 7.82 18.73 17.98
CA THR B 378 6.66 18.81 18.85
C THR B 378 6.52 20.21 19.43
N TYR B 379 7.64 20.92 19.60
CA TYR B 379 7.55 22.33 19.94
C TYR B 379 6.97 23.11 18.79
N ALA B 380 7.58 23.00 17.60
CA ALA B 380 7.15 23.79 16.47
C ALA B 380 5.68 23.56 16.16
N ALA B 381 5.21 22.31 16.31
CA ALA B 381 3.82 22.01 16.02
C ALA B 381 2.90 22.96 16.77
N VAL B 382 3.09 23.10 18.09
CA VAL B 382 2.21 23.97 18.85
C VAL B 382 2.29 25.39 18.31
N TYR B 383 3.51 25.86 18.04
CA TYR B 383 3.66 27.23 17.59
C TYR B 383 2.94 27.46 16.28
N SER B 384 2.81 26.43 15.45
CA SER B 384 2.00 26.59 14.24
C SER B 384 0.55 26.88 14.62
N VAL B 385 -0.06 25.99 15.42
CA VAL B 385 -1.47 26.14 15.75
C VAL B 385 -1.72 27.50 16.39
N ALA B 386 -0.91 27.84 17.39
CA ALA B 386 -1.09 29.12 18.05
C ALA B 386 -1.01 30.26 17.04
N GLN B 387 0.00 30.22 16.16
CA GLN B 387 0.14 31.29 15.18
C GLN B 387 -1.11 31.35 14.32
N ALA B 388 -1.63 30.20 13.90
CA ALA B 388 -2.82 30.20 13.09
C ALA B 388 -3.96 30.89 13.83
N LEU B 389 -4.15 30.53 15.09
CA LEU B 389 -5.18 31.22 15.88
C LEU B 389 -4.87 32.71 15.96
N HIS B 390 -3.60 33.05 16.20
CA HIS B 390 -3.22 34.46 16.24
C HIS B 390 -3.62 35.16 14.95
N ASN B 391 -3.48 34.46 13.81
CA ASN B 391 -3.91 35.04 12.54
C ASN B 391 -5.42 35.06 12.42
N THR B 392 -6.09 33.99 12.87
CA THR B 392 -7.53 33.91 12.67
C THR B 392 -8.27 34.93 13.52
N LEU B 393 -7.76 35.22 14.71
CA LEU B 393 -8.32 36.30 15.53
C LEU B 393 -7.82 37.68 15.08
N GLN B 394 -6.92 37.73 14.11
CA GLN B 394 -6.43 39.00 13.57
C GLN B 394 -5.91 39.89 14.70
N CYS B 395 -5.13 39.29 15.60
CA CYS B 395 -4.68 39.97 16.80
C CYS B 395 -3.81 41.18 16.47
N ASN B 396 -4.08 42.29 17.14
CA ASN B 396 -3.14 43.40 17.19
C ASN B 396 -2.08 43.11 18.25
N VAL B 397 -1.09 44.00 18.38
CA VAL B 397 -0.15 43.91 19.49
C VAL B 397 -0.89 43.99 20.82
N SER B 398 -2.01 44.71 20.85
CA SER B 398 -2.71 44.98 22.10
C SER B 398 -3.91 44.07 22.35
N HIS B 399 -4.61 43.62 21.32
CA HIS B 399 -5.87 42.92 21.52
C HIS B 399 -6.09 41.90 20.41
N CYS B 400 -7.01 40.97 20.69
CA CYS B 400 -7.49 39.99 19.73
C CYS B 400 -8.99 40.12 19.56
N HIS B 401 -9.47 39.88 18.33
CA HIS B 401 -10.87 39.98 17.98
C HIS B 401 -11.65 38.71 18.32
N VAL B 402 -11.72 38.38 19.61
CA VAL B 402 -12.31 37.12 20.06
C VAL B 402 -13.76 37.35 20.46
N SER B 403 -14.38 38.40 19.90
CA SER B 403 -15.79 38.66 20.17
C SER B 403 -16.67 37.46 19.84
N GLU B 404 -16.21 36.56 18.96
CA GLU B 404 -16.92 35.34 18.62
C GLU B 404 -15.98 34.16 18.75
N HIS B 405 -16.55 33.02 19.13
CA HIS B 405 -15.75 31.81 19.31
C HIS B 405 -15.41 31.21 17.95
N VAL B 406 -14.11 31.00 17.70
CA VAL B 406 -13.66 30.43 16.44
C VAL B 406 -13.90 28.92 16.44
N LEU B 407 -14.13 28.37 15.25
CA LEU B 407 -14.32 26.95 15.06
C LEU B 407 -13.15 26.34 14.30
N PRO B 408 -12.87 25.05 14.50
CA PRO B 408 -11.64 24.46 13.94
C PRO B 408 -11.48 24.65 12.43
N TRP B 409 -12.56 24.51 11.65
CA TRP B 409 -12.42 24.58 10.20
C TRP B 409 -12.04 25.98 9.73
N GLN B 410 -12.15 27.00 10.59
CA GLN B 410 -11.73 28.34 10.21
C GLN B 410 -10.22 28.50 10.23
N LEU B 411 -9.54 27.91 11.22
CA LEU B 411 -8.08 27.91 11.23
C LEU B 411 -7.53 27.27 9.95
N LEU B 412 -8.16 26.19 9.49
CA LEU B 412 -7.71 25.48 8.31
C LEU B 412 -7.66 26.38 7.09
N GLU B 413 -8.48 27.45 7.06
CA GLU B 413 -8.42 28.41 5.97
C GLU B 413 -7.08 29.15 5.97
N ASN B 414 -6.60 29.54 7.15
CA ASN B 414 -5.38 30.35 7.24
C ASN B 414 -4.11 29.50 7.18
N MET B 415 -4.15 28.27 7.71
CA MET B 415 -2.91 27.55 7.99
C MET B 415 -2.06 27.34 6.73
N TYR B 416 -2.66 27.40 5.54
CA TYR B 416 -1.90 27.11 4.32
C TYR B 416 -1.01 28.25 3.87
N ASN B 417 -1.32 29.50 4.23
CA ASN B 417 -0.58 30.66 3.74
C ASN B 417 0.23 31.35 4.84
N MET B 418 0.24 30.81 6.05
CA MET B 418 0.94 31.42 7.16
C MET B 418 2.45 31.17 7.08
N SER B 419 3.18 31.86 7.95
CA SER B 419 4.54 31.51 8.32
C SER B 419 4.66 31.68 9.83
N PHE B 420 5.42 30.78 10.47
CA PHE B 420 5.52 30.78 11.92
C PHE B 420 6.96 30.54 12.35
N HIS B 421 7.31 31.06 13.51
CA HIS B 421 8.68 31.08 14.01
C HIS B 421 8.82 30.15 15.20
N ALA B 422 9.97 29.47 15.28
CA ALA B 422 10.30 28.56 16.37
C ALA B 422 11.80 28.66 16.63
N ARG B 423 12.18 29.26 17.75
CA ARG B 423 13.57 29.30 18.19
C ARG B 423 14.49 29.83 17.10
N ASP B 424 14.07 30.96 16.49
CA ASP B 424 14.87 31.68 15.51
C ASP B 424 14.92 30.95 14.16
N LEU B 425 14.40 29.73 14.12
CA LEU B 425 14.09 29.09 12.86
C LEU B 425 12.72 29.53 12.39
N THR B 426 12.50 29.55 11.08
CA THR B 426 11.25 30.03 10.52
C THR B 426 10.72 29.02 9.51
N LEU B 427 9.39 28.84 9.50
CA LEU B 427 8.75 27.74 8.80
C LEU B 427 7.45 28.21 8.17
N GLN B 428 6.97 27.41 7.22
CA GLN B 428 5.62 27.57 6.69
C GLN B 428 5.17 26.25 6.09
N PHE B 429 3.85 26.04 6.09
CA PHE B 429 3.27 24.87 5.46
C PHE B 429 3.16 25.11 3.96
N ASP B 430 3.56 24.12 3.17
CA ASP B 430 3.41 24.21 1.72
C ASP B 430 1.98 23.85 1.33
N ALA B 431 1.71 23.90 0.01
CA ALA B 431 0.35 23.71 -0.46
C ALA B 431 -0.20 22.31 -0.18
N GLU B 432 0.66 21.32 0.08
CA GLU B 432 0.20 19.98 0.41
C GLU B 432 0.47 19.61 1.87
N GLY B 433 0.80 20.59 2.72
CA GLY B 433 0.82 20.39 4.15
C GLY B 433 2.14 20.00 4.77
N ASN B 434 3.21 19.90 3.99
CA ASN B 434 4.52 19.66 4.58
C ASN B 434 5.11 20.98 5.07
N VAL B 435 6.31 20.89 5.64
CA VAL B 435 7.19 22.04 5.85
C VAL B 435 8.50 21.76 5.15
N ASP B 436 9.02 22.77 4.44
CA ASP B 436 10.28 22.61 3.73
C ASP B 436 11.43 22.71 4.73
N MET B 437 12.40 21.80 4.59
CA MET B 437 13.48 21.66 5.55
C MET B 437 14.68 21.08 4.83
N GLU B 438 15.84 21.16 5.49
CA GLU B 438 17.12 20.92 4.84
C GLU B 438 17.90 19.82 5.56
N TYR B 439 18.94 19.33 4.87
CA TYR B 439 19.70 18.17 5.31
C TYR B 439 21.20 18.44 5.21
N ASP B 440 21.97 17.72 6.03
CA ASP B 440 23.40 17.54 5.80
C ASP B 440 23.62 16.24 5.04
N LEU B 441 24.63 16.22 4.19
CA LEU B 441 25.11 14.97 3.61
C LEU B 441 26.29 14.47 4.44
N LYS B 442 26.11 13.34 5.12
CA LYS B 442 27.12 12.79 6.00
C LYS B 442 27.57 11.43 5.48
N MET B 443 28.89 11.26 5.43
CA MET B 443 29.56 10.03 5.00
C MET B 443 30.32 9.44 6.19
N TRP B 444 30.35 8.12 6.26
CA TRP B 444 31.16 7.47 7.29
C TRP B 444 32.63 7.45 6.87
N VAL B 445 33.49 8.08 7.66
CA VAL B 445 34.94 8.00 7.53
C VAL B 445 35.45 7.13 8.66
N TRP B 446 36.19 6.07 8.32
CA TRP B 446 36.67 5.15 9.34
C TRP B 446 38.13 4.77 9.15
N GLN B 447 38.94 5.68 8.59
CA GLN B 447 40.38 5.52 8.71
C GLN B 447 40.80 5.65 10.17
N SER B 448 40.06 6.43 10.96
CA SER B 448 40.15 6.33 12.40
C SER B 448 39.51 5.04 12.86
N PRO B 449 40.08 4.37 13.88
CA PRO B 449 39.47 3.10 14.34
C PRO B 449 38.00 3.24 14.69
N THR B 450 37.61 4.37 15.30
CA THR B 450 36.20 4.63 15.55
C THR B 450 35.55 5.24 14.32
N PRO B 451 34.51 4.64 13.77
CA PRO B 451 33.80 5.27 12.64
C PRO B 451 33.26 6.64 13.02
N VAL B 452 33.39 7.59 12.11
CA VAL B 452 32.99 8.97 12.33
C VAL B 452 32.02 9.38 11.24
N LEU B 453 30.83 9.83 11.64
CA LEU B 453 29.95 10.52 10.71
C LEU B 453 30.53 11.90 10.38
N HIS B 454 30.65 12.22 9.10
CA HIS B 454 31.38 13.41 8.67
C HIS B 454 30.58 14.15 7.61
N THR B 455 30.42 15.46 7.80
CA THR B 455 29.69 16.28 6.84
C THR B 455 30.51 16.51 5.59
N VAL B 456 29.90 16.28 4.42
CA VAL B 456 30.55 16.51 3.14
C VAL B 456 29.62 17.24 2.17
N GLY B 457 28.53 17.81 2.68
CA GLY B 457 27.62 18.53 1.80
C GLY B 457 26.42 19.14 2.47
N THR B 458 25.40 19.46 1.66
CA THR B 458 24.16 20.03 2.15
C THR B 458 23.11 19.92 1.04
N PHE B 459 21.85 19.76 1.46
CA PHE B 459 20.72 19.75 0.54
C PHE B 459 19.68 20.73 1.05
N ASN B 460 19.40 21.76 0.23
CA ASN B 460 18.36 22.74 0.52
C ASN B 460 17.50 22.92 -0.73
N GLY B 461 17.12 21.79 -1.33
CA GLY B 461 16.46 21.77 -2.62
C GLY B 461 17.36 21.53 -3.81
N THR B 462 18.67 21.79 -3.69
CA THR B 462 19.65 21.37 -4.67
C THR B 462 20.92 20.99 -3.93
N LEU B 463 21.65 20.03 -4.49
CA LEU B 463 22.74 19.39 -3.76
C LEU B 463 24.02 20.23 -3.88
N GLN B 464 24.58 20.61 -2.73
CA GLN B 464 25.88 21.26 -2.65
C GLN B 464 26.87 20.30 -2.04
N LEU B 465 28.02 20.13 -2.70
CA LEU B 465 29.01 19.13 -2.31
C LEU B 465 30.36 19.77 -2.02
N GLN B 466 30.98 19.31 -0.94
CA GLN B 466 32.36 19.64 -0.59
C GLN B 466 33.26 18.49 -1.02
N GLN B 467 33.57 18.46 -2.33
CA GLN B 467 34.18 17.27 -2.94
C GLN B 467 35.45 16.83 -2.24
N SER B 468 36.21 17.75 -1.65
CA SER B 468 37.51 17.39 -1.11
C SER B 468 37.40 16.48 0.10
N LYS B 469 36.31 16.57 0.86
CA LYS B 469 36.19 15.88 2.14
C LYS B 469 35.64 14.46 2.03
N MET B 470 35.66 13.86 0.85
CA MET B 470 35.15 12.51 0.64
C MET B 470 36.30 11.57 0.32
N TYR B 471 36.43 10.52 1.11
CA TYR B 471 37.56 9.57 1.01
C TYR B 471 37.04 8.23 0.53
N TRP B 472 37.01 8.06 -0.79
CA TRP B 472 36.61 6.79 -1.37
C TRP B 472 37.66 5.73 -1.05
N PRO B 473 37.25 4.44 -0.97
CA PRO B 473 38.18 3.42 -0.48
C PRO B 473 39.44 3.31 -1.32
N GLY B 474 39.35 3.46 -2.63
CA GLY B 474 40.51 3.49 -3.50
C GLY B 474 41.04 4.88 -3.77
N ASN B 475 40.54 5.90 -3.06
CA ASN B 475 40.87 7.30 -3.34
C ASN B 475 40.53 7.67 -4.78
N GLN B 476 39.53 6.99 -5.34
CA GLN B 476 39.02 7.29 -6.67
C GLN B 476 37.53 7.00 -6.69
N VAL B 477 36.81 7.75 -7.51
CA VAL B 477 35.35 7.81 -7.47
C VAL B 477 34.74 6.52 -8.02
N PRO B 478 33.92 5.81 -7.23
CA PRO B 478 33.20 4.65 -7.77
C PRO B 478 32.18 5.06 -8.84
N VAL B 479 31.88 4.12 -9.74
CA VAL B 479 30.89 4.32 -10.78
C VAL B 479 30.16 3.02 -11.05
N SER B 480 28.86 3.13 -11.35
CA SER B 480 28.12 2.09 -12.04
C SER B 480 27.25 2.76 -13.09
N GLN B 481 27.38 2.31 -14.34
CA GLN B 481 26.67 2.94 -15.45
C GLN B 481 26.18 1.87 -16.40
N CYS B 482 25.30 2.28 -17.30
CA CYS B 482 24.79 1.42 -18.36
C CYS B 482 24.69 2.23 -19.64
N SER B 483 24.91 1.57 -20.77
CA SER B 483 24.73 2.19 -22.06
C SER B 483 23.24 2.37 -22.34
N ARG B 484 22.84 3.61 -22.63
CA ARG B 484 21.44 3.91 -22.91
C ARG B 484 21.10 3.85 -24.40
N GLN B 485 22.09 3.72 -25.27
CA GLN B 485 21.86 3.33 -26.65
C GLN B 485 23.12 2.67 -27.18
N CYS B 486 22.94 1.68 -28.04
CA CYS B 486 24.07 0.96 -28.62
C CYS B 486 24.56 1.65 -29.89
N LYS B 487 25.78 1.31 -30.28
CA LYS B 487 26.39 1.86 -31.49
C LYS B 487 25.80 1.18 -32.73
N ASP B 488 26.31 1.57 -33.90
CA ASP B 488 25.75 1.08 -35.16
C ASP B 488 25.87 -0.44 -35.28
N GLY B 489 27.09 -0.96 -35.16
CA GLY B 489 27.35 -2.36 -35.42
C GLY B 489 27.15 -3.27 -34.22
N GLN B 490 26.23 -2.92 -33.33
CA GLN B 490 26.04 -3.63 -32.07
C GLN B 490 24.59 -4.09 -31.93
N VAL B 491 24.42 -5.22 -31.24
CA VAL B 491 23.11 -5.79 -30.96
C VAL B 491 22.70 -5.40 -29.54
N ARG B 492 21.48 -4.88 -29.41
CA ARG B 492 20.95 -4.50 -28.10
C ARG B 492 20.54 -5.73 -27.29
N ARG B 493 20.53 -5.56 -25.97
CA ARG B 493 19.68 -6.35 -25.08
C ARG B 493 19.18 -5.45 -23.98
N VAL B 494 17.86 -5.43 -23.78
CA VAL B 494 17.27 -4.60 -22.73
C VAL B 494 17.60 -5.21 -21.37
N LYS B 495 17.82 -4.34 -20.38
CA LYS B 495 17.98 -4.77 -19.01
C LYS B 495 17.45 -3.69 -18.09
N GLY B 496 17.21 -4.06 -16.84
CA GLY B 496 16.60 -3.19 -15.87
C GLY B 496 15.20 -3.67 -15.47
N PHE B 497 14.78 -3.24 -14.28
CA PHE B 497 13.47 -3.63 -13.79
C PHE B 497 12.36 -3.08 -14.68
N HIS B 498 12.56 -1.89 -15.24
CA HIS B 498 11.62 -1.30 -16.18
C HIS B 498 12.12 -1.33 -17.61
N SER B 499 13.02 -2.26 -17.95
CA SER B 499 13.56 -2.29 -19.31
C SER B 499 14.07 -0.92 -19.71
N CYS B 500 15.11 -0.44 -19.06
CA CYS B 500 15.56 0.94 -19.14
C CYS B 500 16.95 1.08 -19.73
N CYS B 501 17.87 0.16 -19.42
CA CYS B 501 19.20 0.16 -20.01
C CYS B 501 19.27 -0.81 -21.18
N TYR B 502 20.34 -0.67 -21.96
CA TYR B 502 20.76 -1.68 -22.93
C TYR B 502 22.20 -2.09 -22.66
N ASP B 503 22.47 -3.37 -22.87
CA ASP B 503 23.83 -3.89 -22.96
C ASP B 503 24.07 -4.35 -24.39
N CYS B 504 25.24 -4.01 -24.94
CA CYS B 504 25.49 -4.11 -26.37
C CYS B 504 26.52 -5.19 -26.65
N VAL B 505 26.24 -6.01 -27.67
CA VAL B 505 27.13 -7.08 -28.10
C VAL B 505 27.65 -6.74 -29.49
N ASP B 506 28.96 -6.76 -29.66
CA ASP B 506 29.55 -6.61 -30.99
C ASP B 506 29.23 -7.84 -31.83
N CYS B 507 28.57 -7.64 -32.97
CA CYS B 507 28.18 -8.78 -33.80
C CYS B 507 29.43 -9.40 -34.41
N LYS B 508 29.54 -10.73 -34.27
CA LYS B 508 30.78 -11.43 -34.58
C LYS B 508 30.98 -11.58 -36.08
N ALA B 509 32.25 -11.66 -36.48
CA ALA B 509 32.60 -11.86 -37.87
C ALA B 509 31.94 -13.11 -38.42
N GLY B 510 31.74 -13.13 -39.74
CA GLY B 510 30.94 -14.16 -40.39
C GLY B 510 29.45 -13.94 -40.28
N SER B 511 29.02 -13.03 -39.43
CA SER B 511 27.65 -12.55 -39.38
C SER B 511 27.70 -11.02 -39.35
N TYR B 512 26.56 -10.38 -39.55
CA TYR B 512 26.55 -8.94 -39.71
C TYR B 512 25.31 -8.34 -39.08
N ARG B 513 25.40 -7.06 -38.78
CA ARG B 513 24.31 -6.25 -38.25
C ARG B 513 23.21 -6.09 -39.29
N LYS B 514 22.09 -6.80 -39.10
CA LYS B 514 21.08 -6.88 -40.15
C LYS B 514 20.59 -5.49 -40.55
N HIS B 515 20.17 -4.69 -39.59
CA HIS B 515 19.76 -3.32 -39.84
C HIS B 515 19.87 -2.53 -38.55
N PRO B 516 19.97 -1.20 -38.62
CA PRO B 516 20.46 -0.43 -37.46
C PRO B 516 19.47 -0.29 -36.32
N ASP B 517 18.35 -1.04 -36.36
CA ASP B 517 17.38 -1.02 -35.28
C ASP B 517 17.02 -2.42 -34.80
N ASP B 518 17.72 -3.45 -35.27
CA ASP B 518 17.39 -4.83 -34.93
C ASP B 518 17.97 -5.20 -33.57
N PHE B 519 17.50 -6.33 -33.05
CA PHE B 519 18.04 -6.95 -31.85
C PHE B 519 18.75 -8.26 -32.19
N THR B 520 19.25 -8.40 -33.42
CA THR B 520 19.72 -9.70 -33.90
C THR B 520 20.81 -9.52 -34.93
N CYS B 521 21.69 -10.53 -35.00
CA CYS B 521 22.69 -10.65 -36.05
C CYS B 521 22.09 -11.39 -37.25
N THR B 522 22.87 -11.53 -38.33
CA THR B 522 22.43 -12.37 -39.46
C THR B 522 23.63 -12.99 -40.19
N PRO B 523 23.63 -14.30 -40.45
CA PRO B 523 24.77 -14.92 -41.14
C PRO B 523 24.91 -14.47 -42.59
N CYS B 524 26.16 -14.52 -43.08
CA CYS B 524 26.49 -14.26 -44.47
C CYS B 524 26.61 -15.57 -45.25
N ASN B 525 26.42 -15.49 -46.57
CA ASN B 525 26.34 -16.69 -47.40
C ASN B 525 27.70 -17.38 -47.51
N GLN B 526 27.66 -18.64 -47.97
CA GLN B 526 28.86 -19.47 -48.03
C GLN B 526 29.96 -18.83 -48.88
N ASP B 527 29.58 -18.27 -50.03
CA ASP B 527 30.57 -17.75 -50.96
C ASP B 527 31.16 -16.41 -50.53
N GLN B 528 30.65 -15.79 -49.47
CA GLN B 528 31.01 -14.43 -49.10
C GLN B 528 31.26 -14.35 -47.60
N TRP B 529 31.79 -13.21 -47.17
CA TRP B 529 32.26 -13.02 -45.81
C TRP B 529 31.89 -11.63 -45.32
N SER B 530 31.98 -11.43 -44.00
CA SER B 530 31.65 -10.16 -43.37
C SER B 530 32.63 -9.88 -42.24
N PRO B 531 33.20 -8.68 -42.17
CA PRO B 531 34.01 -8.32 -41.01
C PRO B 531 33.20 -8.29 -39.72
N GLU B 532 33.91 -8.28 -38.60
CA GLU B 532 33.26 -8.08 -37.31
C GLU B 532 32.57 -6.72 -37.28
N LYS B 533 31.39 -6.68 -36.70
CA LYS B 533 30.59 -5.47 -36.60
C LYS B 533 30.22 -4.91 -37.97
N SER B 534 30.28 -5.73 -39.01
CA SER B 534 29.85 -5.32 -40.33
C SER B 534 28.33 -5.24 -40.41
N THR B 535 27.84 -4.45 -41.36
CA THR B 535 26.42 -4.38 -41.69
C THR B 535 26.08 -5.14 -42.97
N ALA B 536 27.04 -5.76 -43.61
CA ALA B 536 26.82 -6.31 -44.95
C ALA B 536 27.63 -7.58 -45.15
N CYS B 537 27.20 -8.37 -46.13
CA CYS B 537 27.83 -9.61 -46.54
C CYS B 537 28.50 -9.37 -47.89
N LEU B 538 29.81 -9.60 -47.97
CA LEU B 538 30.64 -9.02 -49.02
C LEU B 538 31.50 -10.06 -49.70
N PRO B 539 31.93 -9.82 -50.96
CA PRO B 539 32.83 -10.71 -51.69
C PRO B 539 34.10 -11.05 -50.90
O3 RRY C . -12.73 -1.47 -10.29
C3 RRY C . -12.75 -0.74 -9.06
C4 RRY C . -13.94 0.20 -8.95
O4 RRY C . -13.70 1.45 -9.59
C5 RRY C . -14.09 0.38 -7.44
C6 RRY C . -15.53 0.41 -7.00
CL6 RRY C . -16.42 1.77 -7.74
O5 RRY C . -13.44 -0.74 -6.83
C2 RRY C . -12.94 -1.62 -7.84
C1 RRY C . -11.66 -2.27 -7.31
CL1 RRY C . -10.43 -1.04 -6.86
O2 RRY C . -13.88 -2.63 -8.17
C1 RRJ C . -14.44 -3.36 -7.11
O5 RRJ C . -15.83 -3.11 -7.06
C5 RRJ C . -16.52 -3.44 -8.28
C6 RRJ C . -17.93 -2.91 -8.15
O6 RRJ C . -17.94 -1.54 -7.75
C4 RRJ C . -16.37 -4.92 -8.59
CL4 RRJ C . -17.18 -5.89 -7.32
C3 RRJ C . -14.89 -5.28 -8.65
O3 RRJ C . -14.69 -6.67 -8.87
C2 RRJ C . -14.19 -4.85 -7.37
O2 RRJ C . -12.79 -5.09 -7.46
#